data_3EHN
#
_entry.id   3EHN
#
_cell.length_a   156.090
_cell.length_b   156.090
_cell.length_c   156.090
_cell.angle_alpha   90.000
_cell.angle_beta   90.000
_cell.angle_gamma   90.000
#
_symmetry.space_group_name_H-M   'P 21 3'
#
loop_
_entity.id
_entity.type
_entity.pdbx_description
1 polymer 'SusD homolog'
2 branched beta-D-galactopyranose-(1-4)-2-acetamido-2-deoxy-alpha-D-glucopyranose
3 water water
#
_entity_poly.entity_id   1
_entity_poly.type   'polypeptide(L)'
_entity_poly.pdbx_seq_one_letter_code
;MASDYEAVNTNPYGVSDGELGPLKYGARFMNMQQRVIPIGSPSLTTGPGNDLQNTDLISSGNYIGYFGNNNNWGFNNEAN
WNFTDSRMNYAYQNFYSQIFLPWNEIYEIAKDSDSPSEQAILEIANIVRNIAWLRATDVFGPIAYNSAGDGSIAPKFDSQ
EVVYRSMLADLSKSVELLNTISYSVMAQYDLIYNGNVQNWVKLANSLMLRIVVRVHFIDETLAKEYITKALDPKNGGVIE
DISSEAKIKSSDKMPLLNSMLASVNEYNETRMGATIWGYLDGYKDPRLSAYFTEGTYGSGSWAQTGYFPVAPTNSKSKSE
TSYSAKFASRPKVDSNSPLYWFRASETYFLKAEAALYNLIGGDPKTFYEQGINISFQEQGVSGVATYLSGTGKPTGLTGS
NYKYGTYNHDLSIGNTSPKWDDYTGNLSKQEEQLQKIITQKYLALYPNAVEAWTEYRRTGFPYLMKPMDEAAPGRIGASI
EDCRVPERFRFAPTAYNSNPNMAEIPTLLGGGDIGATKLWWVRSNRPKQPNQ
;
_entity_poly.pdbx_strand_id   A,B
#
# COMPACT_ATOMS: atom_id res chain seq x y z
N GLU A 19 -24.07 42.39 6.54
CA GLU A 19 -25.43 42.47 7.16
C GLU A 19 -25.60 41.57 8.38
N LEU A 20 -26.19 40.40 8.17
CA LEU A 20 -26.47 39.45 9.24
C LEU A 20 -25.23 38.84 9.90
N GLY A 21 -24.24 38.47 9.09
CA GLY A 21 -23.04 37.88 9.65
C GLY A 21 -22.14 38.81 10.46
N PRO A 22 -21.74 39.97 9.91
CA PRO A 22 -20.87 40.92 10.60
C PRO A 22 -21.52 41.62 11.78
N LEU A 23 -22.82 41.79 11.72
CA LEU A 23 -23.52 42.50 12.78
C LEU A 23 -24.28 41.69 13.82
N LYS A 24 -24.55 40.42 13.56
CA LYS A 24 -25.31 39.65 14.52
C LYS A 24 -24.73 38.33 14.98
N TYR A 25 -24.59 37.39 14.04
CA TYR A 25 -24.13 36.05 14.36
C TYR A 25 -22.65 35.69 14.09
N GLY A 26 -22.12 36.12 12.96
CA GLY A 26 -20.74 35.85 12.59
C GLY A 26 -19.74 35.47 13.68
N ALA A 27 -19.53 36.36 14.65
CA ALA A 27 -18.58 36.09 15.72
C ALA A 27 -19.04 35.00 16.68
N ARG A 28 -20.27 35.12 17.16
CA ARG A 28 -20.82 34.13 18.10
C ARG A 28 -20.72 32.74 17.52
N PHE A 29 -20.90 32.66 16.21
CA PHE A 29 -20.85 31.39 15.52
C PHE A 29 -19.44 30.85 15.45
N MET A 30 -18.46 31.72 15.18
CA MET A 30 -17.11 31.22 15.13
C MET A 30 -16.66 30.79 16.53
N ASN A 31 -17.12 31.50 17.56
CA ASN A 31 -16.76 31.13 18.91
C ASN A 31 -17.34 29.75 19.20
N MET A 32 -18.59 29.52 18.82
CA MET A 32 -19.18 28.20 19.05
C MET A 32 -18.32 27.11 18.43
N GLN A 33 -17.95 27.27 17.17
CA GLN A 33 -17.15 26.24 16.52
C GLN A 33 -15.87 25.92 17.25
N GLN A 34 -15.21 26.93 17.82
CA GLN A 34 -13.97 26.73 18.53
C GLN A 34 -14.14 26.07 19.90
N ARG A 35 -15.36 26.12 20.43
CA ARG A 35 -15.66 25.53 21.72
C ARG A 35 -15.97 24.03 21.72
N VAL A 36 -16.49 23.50 20.61
CA VAL A 36 -16.81 22.07 20.57
C VAL A 36 -15.65 21.26 21.15
N ILE A 37 -14.47 21.46 20.58
CA ILE A 37 -13.25 20.82 21.09
C ILE A 37 -12.27 21.99 21.15
N PRO A 38 -11.95 22.46 22.37
CA PRO A 38 -11.06 23.57 22.69
C PRO A 38 -9.97 23.86 21.68
N ILE A 39 -10.05 25.03 21.06
CA ILE A 39 -9.10 25.47 20.05
C ILE A 39 -9.34 26.97 19.98
N GLY A 40 -8.32 27.73 19.59
CA GLY A 40 -8.48 29.17 19.50
C GLY A 40 -7.48 29.89 18.61
N SER A 41 -7.51 31.22 18.66
CA SER A 41 -6.61 32.04 17.85
C SER A 41 -5.22 31.95 18.46
N PRO A 42 -4.18 32.26 17.66
CA PRO A 42 -2.82 32.22 18.18
C PRO A 42 -2.64 33.31 19.22
N SER A 43 -3.36 34.42 19.07
CA SER A 43 -3.21 35.51 20.03
C SER A 43 -3.73 35.12 21.42
N LEU A 44 -4.29 33.92 21.52
CA LEU A 44 -4.79 33.39 22.80
C LEU A 44 -3.77 32.47 23.43
N THR A 45 -2.59 32.41 22.81
CA THR A 45 -1.48 31.62 23.30
C THR A 45 -1.86 30.20 23.73
N THR A 46 -1.61 29.86 24.99
CA THR A 46 -1.89 28.54 25.53
C THR A 46 -3.24 28.42 26.21
N GLY A 47 -4.03 29.48 26.14
CA GLY A 47 -5.34 29.44 26.76
C GLY A 47 -6.10 28.19 26.37
N PRO A 48 -6.46 28.03 25.09
CA PRO A 48 -7.18 26.84 24.62
C PRO A 48 -6.49 25.50 24.90
N GLY A 49 -5.16 25.47 24.86
CA GLY A 49 -4.44 24.24 25.12
C GLY A 49 -4.68 23.75 26.54
N ASN A 50 -4.87 24.70 27.46
CA ASN A 50 -5.15 24.38 28.86
C ASN A 50 -6.53 23.75 28.93
N ASP A 51 -7.41 24.16 28.02
CA ASP A 51 -8.77 23.67 27.95
C ASP A 51 -8.78 22.28 27.32
N LEU A 52 -8.04 22.11 26.23
CA LEU A 52 -7.99 20.83 25.55
C LEU A 52 -7.32 19.82 26.47
N GLN A 53 -6.47 20.33 27.36
CA GLN A 53 -5.77 19.48 28.28
C GLN A 53 -6.76 18.89 29.30
N ASN A 54 -7.68 19.72 29.77
CA ASN A 54 -8.69 19.32 30.74
C ASN A 54 -9.76 18.39 30.17
N THR A 55 -10.08 18.53 28.89
CA THR A 55 -11.10 17.70 28.28
C THR A 55 -10.58 16.48 27.53
N ASP A 56 -9.43 16.62 26.87
CA ASP A 56 -8.89 15.52 26.06
C ASP A 56 -7.52 14.93 26.38
N LEU A 57 -6.51 15.79 26.52
CA LEU A 57 -5.17 15.28 26.73
C LEU A 57 -4.80 14.59 28.05
N ILE A 58 -5.01 15.22 29.19
CA ILE A 58 -4.63 14.55 30.43
C ILE A 58 -5.76 13.84 31.14
N SER A 59 -6.96 13.98 30.61
CA SER A 59 -8.12 13.31 31.20
C SER A 59 -8.54 12.15 30.28
N SER A 60 -9.58 12.33 29.48
CA SER A 60 -10.06 11.25 28.62
C SER A 60 -8.98 10.54 27.77
N GLY A 61 -8.14 11.31 27.10
CA GLY A 61 -7.10 10.70 26.29
C GLY A 61 -6.13 9.89 27.12
N ASN A 62 -6.01 10.29 28.39
CA ASN A 62 -5.12 9.61 29.31
C ASN A 62 -5.74 8.29 29.74
N TYR A 63 -6.99 8.33 30.16
CA TYR A 63 -7.68 7.11 30.60
C TYR A 63 -7.67 6.00 29.54
N ILE A 64 -8.15 6.27 28.33
CA ILE A 64 -8.19 5.24 27.30
C ILE A 64 -6.82 4.91 26.72
N GLY A 65 -5.81 5.65 27.14
CA GLY A 65 -4.47 5.37 26.66
C GLY A 65 -4.05 5.87 25.29
N TYR A 66 -4.69 6.93 24.80
CA TYR A 66 -4.31 7.53 23.50
C TYR A 66 -3.01 8.26 23.84
N PHE A 67 -2.98 8.84 25.04
CA PHE A 67 -1.83 9.60 25.53
C PHE A 67 -1.30 9.15 26.88
N GLY A 68 -0.13 9.67 27.22
CA GLY A 68 0.52 9.37 28.49
C GLY A 68 1.01 10.69 29.07
N ASN A 69 0.78 10.91 30.35
CA ASN A 69 1.21 12.16 30.96
C ASN A 69 2.60 12.07 31.55
N ASN A 70 3.44 13.07 31.23
CA ASN A 70 4.76 13.11 31.81
C ASN A 70 4.65 14.02 33.01
N ASN A 71 3.81 13.62 33.95
CA ASN A 71 3.60 14.37 35.18
C ASN A 71 2.47 13.72 35.95
N ASN A 72 2.41 13.97 37.25
CA ASN A 72 1.33 13.42 38.05
C ASN A 72 0.62 14.54 38.79
N TRP A 73 1.10 15.76 38.59
CA TRP A 73 0.52 16.95 39.19
C TRP A 73 0.29 16.84 40.70
N GLY A 74 1.08 15.99 41.37
CA GLY A 74 0.90 15.84 42.80
C GLY A 74 -0.45 15.21 43.10
N PHE A 75 -0.96 14.46 42.14
CA PHE A 75 -2.23 13.78 42.29
C PHE A 75 -3.34 14.76 42.64
N ASN A 76 -3.28 15.94 42.06
CA ASN A 76 -4.26 16.98 42.36
C ASN A 76 -5.28 17.38 41.32
N ASN A 77 -5.38 16.64 40.22
CA ASN A 77 -6.39 16.95 39.21
C ASN A 77 -6.95 15.70 38.57
N GLU A 78 -7.77 15.90 37.55
CA GLU A 78 -8.41 14.80 36.85
C GLU A 78 -7.44 13.76 36.29
N ALA A 79 -6.18 14.15 36.04
CA ALA A 79 -5.20 13.20 35.49
C ALA A 79 -5.06 11.95 36.34
N ASN A 80 -5.09 12.11 37.65
CA ASN A 80 -4.99 10.97 38.54
C ASN A 80 -6.31 10.69 39.26
N TRP A 81 -7.39 11.06 38.58
CA TRP A 81 -8.77 10.84 39.03
C TRP A 81 -9.20 11.60 40.26
N ASN A 82 -8.54 12.72 40.53
CA ASN A 82 -8.90 13.53 41.67
C ASN A 82 -9.76 14.67 41.14
N PHE A 83 -11.05 14.42 41.00
CA PHE A 83 -11.96 15.41 40.48
C PHE A 83 -12.22 16.48 41.54
N THR A 84 -11.25 17.37 41.73
CA THR A 84 -11.36 18.45 42.70
C THR A 84 -12.43 19.44 42.24
N ASP A 85 -12.94 20.21 43.19
CA ASP A 85 -13.97 21.20 42.91
C ASP A 85 -13.61 22.20 41.82
N SER A 86 -12.38 22.70 41.82
CA SER A 86 -11.96 23.68 40.82
C SER A 86 -11.84 23.06 39.43
N ARG A 87 -11.20 21.90 39.36
CA ARG A 87 -11.03 21.22 38.10
C ARG A 87 -12.33 20.73 37.48
N MET A 88 -13.31 20.41 38.32
CA MET A 88 -14.58 19.96 37.79
C MET A 88 -15.42 21.14 37.29
N ASN A 89 -15.26 22.31 37.90
CA ASN A 89 -15.98 23.50 37.47
C ASN A 89 -15.44 23.92 36.11
N TYR A 90 -14.16 23.67 35.91
CA TYR A 90 -13.47 24.01 34.69
C TYR A 90 -13.95 23.07 33.58
N ALA A 91 -14.07 21.78 33.90
CA ALA A 91 -14.53 20.80 32.92
C ALA A 91 -15.97 21.10 32.52
N TYR A 92 -16.77 21.57 33.46
CA TYR A 92 -18.15 21.89 33.20
C TYR A 92 -18.23 23.05 32.23
N GLN A 93 -17.29 23.97 32.36
CA GLN A 93 -17.22 25.14 31.50
C GLN A 93 -16.77 24.71 30.11
N ASN A 94 -15.70 23.92 30.07
CA ASN A 94 -15.17 23.45 28.80
C ASN A 94 -16.13 22.59 27.98
N PHE A 95 -16.97 21.80 28.64
CA PHE A 95 -17.91 20.92 27.93
C PHE A 95 -19.29 21.52 27.71
N TYR A 96 -19.75 22.29 28.69
CA TYR A 96 -21.11 22.85 28.62
C TYR A 96 -21.35 24.35 28.57
N SER A 97 -20.99 25.06 29.64
CA SER A 97 -21.27 26.49 29.72
C SER A 97 -20.57 27.42 28.75
N GLN A 98 -19.31 27.16 28.44
CA GLN A 98 -18.60 28.02 27.51
C GLN A 98 -19.29 28.18 26.16
N ILE A 99 -19.75 27.08 25.57
CA ILE A 99 -20.41 27.13 24.27
C ILE A 99 -21.84 27.63 24.41
N PHE A 100 -22.43 27.46 25.57
CA PHE A 100 -23.79 27.91 25.82
C PHE A 100 -23.97 29.42 25.67
N LEU A 101 -23.05 30.19 26.25
CA LEU A 101 -23.13 31.65 26.20
C LEU A 101 -23.35 32.19 24.79
N PRO A 102 -22.43 31.94 23.86
CA PRO A 102 -22.66 32.46 22.52
C PRO A 102 -23.87 31.83 21.87
N TRP A 103 -24.09 30.55 22.11
CA TRP A 103 -25.24 29.91 21.50
C TRP A 103 -26.51 30.60 21.94
N ASN A 104 -26.61 30.85 23.24
CA ASN A 104 -27.79 31.49 23.80
C ASN A 104 -28.03 32.86 23.19
N GLU A 105 -26.96 33.60 22.92
CA GLU A 105 -27.12 34.91 22.32
C GLU A 105 -27.68 34.74 20.91
N ILE A 106 -27.15 33.76 20.16
CA ILE A 106 -27.66 33.54 18.82
C ILE A 106 -29.15 33.26 18.88
N TYR A 107 -29.55 32.50 19.89
CA TYR A 107 -30.94 32.14 20.13
C TYR A 107 -31.82 33.36 20.47
N GLU A 108 -31.37 34.19 21.41
CA GLU A 108 -32.13 35.38 21.80
C GLU A 108 -32.33 36.36 20.65
N ILE A 109 -31.44 36.32 19.68
CA ILE A 109 -31.48 37.24 18.53
C ILE A 109 -32.28 36.71 17.33
N ALA A 110 -32.43 35.40 17.25
CA ALA A 110 -33.13 34.83 16.12
C ALA A 110 -34.33 33.95 16.48
N LYS A 111 -34.58 33.76 17.78
CA LYS A 111 -35.70 32.92 18.20
C LYS A 111 -36.99 33.33 17.49
N ASP A 112 -37.16 34.63 17.25
CA ASP A 112 -38.37 35.11 16.60
C ASP A 112 -38.10 35.87 15.30
N SER A 113 -37.93 35.12 14.21
CA SER A 113 -37.69 35.70 12.90
C SER A 113 -38.31 34.85 11.82
N ASP A 114 -39.10 35.47 10.94
CA ASP A 114 -39.77 34.77 9.85
C ASP A 114 -38.72 34.47 8.80
N SER A 115 -37.63 35.24 8.85
CA SER A 115 -36.52 35.10 7.92
C SER A 115 -36.00 33.67 7.92
N PRO A 116 -36.28 32.91 6.85
CA PRO A 116 -35.80 31.54 6.83
C PRO A 116 -34.27 31.48 6.93
N SER A 117 -33.61 32.57 6.57
CA SER A 117 -32.15 32.65 6.63
C SER A 117 -31.65 32.60 8.07
N GLU A 118 -32.25 33.42 8.92
CA GLU A 118 -31.86 33.44 10.30
C GLU A 118 -32.32 32.13 10.94
N GLN A 119 -33.34 31.52 10.36
CA GLN A 119 -33.83 30.24 10.86
C GLN A 119 -32.83 29.15 10.53
N ALA A 120 -32.14 29.34 9.41
CA ALA A 120 -31.12 28.39 8.97
C ALA A 120 -29.90 28.53 9.87
N ILE A 121 -29.59 29.77 10.27
CA ILE A 121 -28.46 30.06 11.14
C ILE A 121 -28.65 29.49 12.54
N LEU A 122 -29.87 29.55 13.05
CA LEU A 122 -30.12 29.02 14.38
C LEU A 122 -30.08 27.50 14.41
N GLU A 123 -30.56 26.84 13.36
CA GLU A 123 -30.54 25.37 13.32
C GLU A 123 -29.13 24.82 13.18
N ILE A 124 -28.24 25.59 12.54
CA ILE A 124 -26.86 25.15 12.40
C ILE A 124 -26.19 25.36 13.76
N ALA A 125 -26.50 26.48 14.40
CA ALA A 125 -25.97 26.79 15.71
C ALA A 125 -26.40 25.68 16.68
N ASN A 126 -27.62 25.20 16.50
CA ASN A 126 -28.10 24.13 17.37
C ASN A 126 -27.34 22.83 17.10
N ILE A 127 -27.07 22.55 15.84
CA ILE A 127 -26.34 21.34 15.49
C ILE A 127 -24.97 21.38 16.14
N VAL A 128 -24.32 22.55 16.08
CA VAL A 128 -23.02 22.72 16.67
C VAL A 128 -23.10 22.54 18.18
N ARG A 129 -24.07 23.22 18.77
CA ARG A 129 -24.24 23.14 20.20
C ARG A 129 -24.52 21.72 20.67
N ASN A 130 -25.09 20.88 19.80
CA ASN A 130 -25.38 19.51 20.20
C ASN A 130 -24.18 18.57 20.13
N ILE A 131 -23.29 18.78 19.17
CA ILE A 131 -22.12 17.94 19.07
C ILE A 131 -21.36 18.14 20.37
N ALA A 132 -21.41 19.38 20.86
CA ALA A 132 -20.75 19.78 22.09
C ALA A 132 -21.38 19.20 23.33
N TRP A 133 -22.70 19.37 23.45
CA TRP A 133 -23.41 18.87 24.61
C TRP A 133 -23.53 17.36 24.66
N LEU A 134 -23.24 16.72 23.55
CA LEU A 134 -23.27 15.27 23.51
C LEU A 134 -22.06 14.84 24.35
N ARG A 135 -20.94 15.51 24.09
CA ARG A 135 -19.72 15.24 24.84
C ARG A 135 -19.98 15.55 26.29
N ALA A 136 -20.70 16.63 26.55
CA ALA A 136 -20.98 17.03 27.93
C ALA A 136 -21.76 15.97 28.68
N THR A 137 -22.85 15.49 28.08
CA THR A 137 -23.68 14.49 28.73
C THR A 137 -22.93 13.17 28.89
N ASP A 138 -22.09 12.83 27.93
CA ASP A 138 -21.31 11.60 27.99
C ASP A 138 -20.18 11.70 29.01
N VAL A 139 -19.95 12.89 29.52
CA VAL A 139 -18.93 13.08 30.51
C VAL A 139 -19.53 13.24 31.91
N PHE A 140 -20.62 14.01 32.04
CA PHE A 140 -21.25 14.20 33.34
C PHE A 140 -22.51 13.38 33.54
N GLY A 141 -23.22 13.08 32.46
CA GLY A 141 -24.46 12.35 32.59
C GLY A 141 -25.59 13.37 32.52
N PRO A 142 -26.41 13.51 33.56
CA PRO A 142 -27.50 14.50 33.47
C PRO A 142 -26.98 15.92 33.22
N ILE A 143 -27.70 16.68 32.40
CA ILE A 143 -27.31 18.06 32.10
C ILE A 143 -28.57 18.89 31.85
N ALA A 144 -28.41 20.20 31.76
CA ALA A 144 -29.55 21.05 31.51
C ALA A 144 -29.72 21.19 30.00
N TYR A 145 -30.44 20.26 29.39
CA TYR A 145 -30.66 20.29 27.95
C TYR A 145 -31.90 21.09 27.56
N ASN A 146 -33.03 20.70 28.12
CA ASN A 146 -34.30 21.35 27.81
C ASN A 146 -34.50 22.72 28.41
N SER A 147 -33.96 22.96 29.60
CA SER A 147 -34.10 24.29 30.22
C SER A 147 -33.15 25.31 29.56
N ALA A 148 -32.33 24.83 28.63
CA ALA A 148 -31.36 25.68 27.94
C ALA A 148 -31.96 26.89 27.26
N GLY A 149 -31.70 28.07 27.82
CA GLY A 149 -32.20 29.31 27.22
C GLY A 149 -33.52 29.82 27.76
N ASP A 150 -33.96 29.29 28.89
CA ASP A 150 -35.22 29.69 29.50
C ASP A 150 -35.06 30.82 30.51
N GLY A 151 -33.94 31.54 30.41
CA GLY A 151 -33.67 32.66 31.31
C GLY A 151 -33.58 32.33 32.79
N SER A 152 -34.09 31.16 33.18
CA SER A 152 -34.05 30.74 34.58
C SER A 152 -32.73 31.04 35.27
N ILE A 153 -32.82 31.43 36.53
CA ILE A 153 -31.64 31.75 37.33
C ILE A 153 -30.88 30.46 37.64
N ALA A 154 -31.64 29.40 37.93
CA ALA A 154 -31.09 28.09 38.25
C ALA A 154 -31.77 27.04 37.38
N PRO A 155 -31.15 26.68 36.25
CA PRO A 155 -31.63 25.69 35.28
C PRO A 155 -31.96 24.32 35.86
N LYS A 156 -32.86 23.60 35.19
CA LYS A 156 -33.29 22.28 35.60
C LYS A 156 -32.49 21.24 34.81
N PHE A 157 -32.03 20.19 35.47
CA PHE A 157 -31.28 19.14 34.78
C PHE A 157 -32.18 18.01 34.33
N ASP A 158 -31.84 17.42 33.19
CA ASP A 158 -32.60 16.31 32.66
C ASP A 158 -31.78 15.03 32.89
N SER A 159 -32.41 13.86 32.78
CA SER A 159 -31.68 12.63 32.96
C SER A 159 -31.00 12.36 31.62
N GLN A 160 -29.89 11.62 31.66
CA GLN A 160 -29.16 11.31 30.45
C GLN A 160 -30.08 10.70 29.40
N GLU A 161 -31.13 10.02 29.83
CA GLU A 161 -32.06 9.42 28.88
C GLU A 161 -32.91 10.50 28.21
N VAL A 162 -33.43 11.41 29.01
CA VAL A 162 -34.22 12.49 28.44
C VAL A 162 -33.33 13.29 27.49
N VAL A 163 -32.11 13.60 27.92
CA VAL A 163 -31.16 14.35 27.09
C VAL A 163 -31.05 13.69 25.72
N TYR A 164 -30.76 12.39 25.74
CA TYR A 164 -30.64 11.66 24.49
C TYR A 164 -31.89 11.72 23.62
N ARG A 165 -33.06 11.47 24.21
CA ARG A 165 -34.30 11.52 23.46
C ARG A 165 -34.52 12.90 22.88
N SER A 166 -34.39 13.93 23.70
CA SER A 166 -34.60 15.28 23.22
C SER A 166 -33.63 15.64 22.09
N MET A 167 -32.35 15.33 22.28
CA MET A 167 -31.35 15.63 21.27
C MET A 167 -31.72 14.97 19.94
N LEU A 168 -32.18 13.72 20.01
CA LEU A 168 -32.56 13.03 18.79
C LEU A 168 -33.65 13.80 18.08
N ALA A 169 -34.72 14.13 18.79
CA ALA A 169 -35.83 14.86 18.19
C ALA A 169 -35.40 16.22 17.63
N ASP A 170 -34.47 16.88 18.32
CA ASP A 170 -33.98 18.19 17.88
C ASP A 170 -33.10 18.10 16.64
N LEU A 171 -32.26 17.08 16.58
CA LEU A 171 -31.42 16.92 15.40
C LEU A 171 -32.34 16.68 14.22
N SER A 172 -33.34 15.83 14.44
CA SER A 172 -34.31 15.49 13.42
C SER A 172 -35.01 16.76 12.94
N LYS A 173 -35.26 17.67 13.87
CA LYS A 173 -35.92 18.92 13.54
C LYS A 173 -35.02 19.89 12.75
N SER A 174 -33.72 19.84 13.00
CA SER A 174 -32.76 20.69 12.29
C SER A 174 -32.63 20.23 10.85
N VAL A 175 -32.62 18.91 10.67
CA VAL A 175 -32.51 18.31 9.36
C VAL A 175 -33.68 18.68 8.47
N GLU A 176 -34.89 18.65 9.01
CA GLU A 176 -36.06 18.99 8.21
C GLU A 176 -35.97 20.40 7.66
N LEU A 177 -35.70 21.37 8.53
CA LEU A 177 -35.63 22.76 8.09
C LEU A 177 -34.43 23.00 7.18
N LEU A 178 -33.26 22.50 7.57
CA LEU A 178 -32.07 22.72 6.77
C LEU A 178 -32.15 22.11 5.38
N ASN A 179 -32.99 21.08 5.22
CA ASN A 179 -33.12 20.43 3.93
C ASN A 179 -33.91 21.26 2.94
N THR A 180 -34.67 22.22 3.45
CA THR A 180 -35.47 23.08 2.60
C THR A 180 -34.61 24.27 2.15
N ILE A 181 -33.45 24.47 2.79
CA ILE A 181 -32.54 25.57 2.45
C ILE A 181 -31.56 25.15 1.37
N SER A 182 -31.52 25.90 0.28
CA SER A 182 -30.64 25.59 -0.83
C SER A 182 -29.49 26.57 -1.11
N TYR A 183 -29.39 27.64 -0.31
CA TYR A 183 -28.32 28.62 -0.51
C TYR A 183 -27.30 28.66 0.62
N SER A 184 -26.05 28.90 0.25
CA SER A 184 -24.96 28.98 1.19
C SER A 184 -25.34 29.85 2.38
N VAL A 185 -25.14 29.32 3.60
CA VAL A 185 -25.46 30.04 4.83
C VAL A 185 -24.19 30.45 5.60
N MET A 186 -23.99 31.75 5.76
CA MET A 186 -22.84 32.32 6.46
C MET A 186 -21.48 31.71 6.13
N ALA A 187 -21.23 31.51 4.85
CA ALA A 187 -19.98 30.91 4.39
C ALA A 187 -18.74 31.58 4.98
N GLN A 188 -18.85 32.87 5.28
CA GLN A 188 -17.72 33.62 5.82
C GLN A 188 -17.35 33.21 7.24
N TYR A 189 -18.30 32.64 7.96
CA TYR A 189 -18.04 32.26 9.34
C TYR A 189 -18.09 30.76 9.61
N ASP A 190 -18.26 29.97 8.56
CA ASP A 190 -18.34 28.53 8.69
C ASP A 190 -16.97 27.91 8.45
N LEU A 191 -16.26 27.67 9.56
CA LEU A 191 -14.94 27.07 9.51
C LEU A 191 -15.05 25.57 9.28
N ILE A 192 -16.26 25.05 9.31
CA ILE A 192 -16.43 23.62 9.14
C ILE A 192 -16.79 23.20 7.72
N TYR A 193 -17.77 23.85 7.13
CA TYR A 193 -18.21 23.48 5.79
C TYR A 193 -18.32 24.64 4.83
N ASN A 194 -17.87 25.81 5.28
CA ASN A 194 -17.89 26.98 4.43
C ASN A 194 -19.27 27.27 3.84
N GLY A 195 -20.28 27.36 4.70
CA GLY A 195 -21.62 27.69 4.26
C GLY A 195 -22.46 26.60 3.61
N ASN A 196 -21.84 25.51 3.23
CA ASN A 196 -22.55 24.42 2.56
C ASN A 196 -23.60 23.73 3.46
N VAL A 197 -24.85 24.14 3.35
CA VAL A 197 -25.93 23.58 4.16
C VAL A 197 -26.15 22.08 4.02
N GLN A 198 -25.87 21.52 2.85
CA GLN A 198 -26.02 20.09 2.63
C GLN A 198 -25.07 19.31 3.54
N ASN A 199 -23.86 19.84 3.69
CA ASN A 199 -22.87 19.20 4.53
C ASN A 199 -23.24 19.22 6.01
N TRP A 200 -23.96 20.26 6.43
CA TRP A 200 -24.37 20.34 7.81
C TRP A 200 -25.48 19.33 8.08
N VAL A 201 -26.30 19.08 7.07
CA VAL A 201 -27.37 18.10 7.20
C VAL A 201 -26.75 16.74 7.42
N LYS A 202 -25.64 16.49 6.71
CA LYS A 202 -24.94 15.22 6.83
C LYS A 202 -24.32 15.06 8.21
N LEU A 203 -23.75 16.14 8.73
CA LEU A 203 -23.14 16.08 10.06
C LEU A 203 -24.20 15.73 11.09
N ALA A 204 -25.37 16.36 10.95
CA ALA A 204 -26.48 16.13 11.86
C ALA A 204 -26.95 14.68 11.82
N ASN A 205 -27.20 14.16 10.62
CA ASN A 205 -27.65 12.78 10.50
C ASN A 205 -26.57 11.84 11.04
N SER A 206 -25.30 12.21 10.78
CA SER A 206 -24.17 11.42 11.21
C SER A 206 -24.06 11.39 12.71
N LEU A 207 -24.51 12.46 13.36
CA LEU A 207 -24.45 12.53 14.81
C LEU A 207 -25.62 11.71 15.37
N MET A 208 -26.68 11.61 14.56
CA MET A 208 -27.88 10.88 14.91
C MET A 208 -27.48 9.41 14.91
N LEU A 209 -26.83 8.99 13.84
CA LEU A 209 -26.38 7.60 13.72
C LEU A 209 -25.50 7.24 14.89
N ARG A 210 -24.74 8.22 15.38
CA ARG A 210 -23.85 8.01 16.52
C ARG A 210 -24.69 7.79 17.77
N ILE A 211 -25.56 8.75 18.05
CA ILE A 211 -26.42 8.69 19.21
C ILE A 211 -27.27 7.42 19.23
N VAL A 212 -27.77 7.00 18.06
CA VAL A 212 -28.60 5.80 18.01
C VAL A 212 -27.83 4.54 18.35
N VAL A 213 -26.59 4.45 17.89
CA VAL A 213 -25.78 3.27 18.18
C VAL A 213 -25.47 3.29 19.66
N ARG A 214 -25.28 4.49 20.21
CA ARG A 214 -24.98 4.65 21.62
C ARG A 214 -26.06 4.06 22.52
N VAL A 215 -27.31 4.24 22.13
CA VAL A 215 -28.44 3.77 22.93
C VAL A 215 -29.00 2.40 22.59
N HIS A 216 -28.53 1.77 21.53
CA HIS A 216 -29.11 0.49 21.17
C HIS A 216 -29.12 -0.59 22.27
N PHE A 217 -28.03 -0.80 22.99
CA PHE A 217 -28.06 -1.82 24.05
C PHE A 217 -29.14 -1.54 25.13
N ILE A 218 -29.32 -0.28 25.48
CA ILE A 218 -30.32 0.10 26.48
C ILE A 218 -31.72 0.11 25.92
N ASP A 219 -31.92 0.89 24.86
CA ASP A 219 -33.23 1.02 24.20
C ASP A 219 -33.16 0.72 22.70
N GLU A 220 -33.32 -0.56 22.36
CA GLU A 220 -33.25 -1.03 20.97
C GLU A 220 -34.26 -0.36 20.04
N THR A 221 -35.45 -0.05 20.56
CA THR A 221 -36.48 0.57 19.75
C THR A 221 -36.18 2.04 19.45
N LEU A 222 -35.63 2.75 20.44
CA LEU A 222 -35.28 4.15 20.25
C LEU A 222 -34.18 4.19 19.19
N ALA A 223 -33.24 3.27 19.34
CA ALA A 223 -32.13 3.17 18.40
C ALA A 223 -32.64 3.02 16.98
N LYS A 224 -33.62 2.15 16.78
CA LYS A 224 -34.14 1.91 15.44
C LYS A 224 -35.01 3.03 14.89
N GLU A 225 -35.70 3.76 15.76
CA GLU A 225 -36.55 4.83 15.29
C GLU A 225 -35.75 5.91 14.57
N TYR A 226 -34.59 6.24 15.13
CA TYR A 226 -33.78 7.28 14.52
C TYR A 226 -32.76 6.80 13.51
N ILE A 227 -32.16 5.65 13.74
CA ILE A 227 -31.17 5.15 12.80
C ILE A 227 -31.74 5.15 11.37
N THR A 228 -33.06 4.98 11.27
CA THR A 228 -33.71 4.98 9.96
C THR A 228 -33.67 6.38 9.38
N LYS A 229 -34.21 7.36 10.11
CA LYS A 229 -34.22 8.75 9.66
C LYS A 229 -32.83 9.23 9.31
N ALA A 230 -31.84 8.82 10.09
CA ALA A 230 -30.47 9.19 9.86
C ALA A 230 -30.01 8.72 8.49
N LEU A 231 -30.35 7.48 8.13
CA LEU A 231 -29.88 6.93 6.87
C LEU A 231 -30.80 7.01 5.65
N ASP A 232 -32.07 7.35 5.85
CA ASP A 232 -32.97 7.45 4.73
C ASP A 232 -32.39 8.48 3.75
N PRO A 233 -32.11 8.06 2.49
CA PRO A 233 -31.55 8.95 1.48
C PRO A 233 -32.29 10.25 1.29
N LYS A 234 -33.61 10.22 1.43
CA LYS A 234 -34.40 11.43 1.24
C LYS A 234 -34.05 12.50 2.28
N ASN A 235 -33.39 12.10 3.37
CA ASN A 235 -33.05 13.07 4.42
C ASN A 235 -31.64 13.66 4.37
N GLY A 236 -30.94 13.49 3.25
CA GLY A 236 -29.60 14.04 3.12
C GLY A 236 -28.44 13.08 3.28
N GLY A 237 -28.68 11.90 3.82
CA GLY A 237 -27.60 10.96 4.00
C GLY A 237 -26.65 11.34 5.13
N VAL A 238 -25.59 10.56 5.29
CA VAL A 238 -24.59 10.81 6.33
C VAL A 238 -23.22 11.05 5.70
N ILE A 239 -22.21 11.26 6.54
CA ILE A 239 -20.86 11.50 6.05
C ILE A 239 -20.24 10.20 5.57
N GLU A 240 -19.97 10.11 4.27
CA GLU A 240 -19.39 8.88 3.74
C GLU A 240 -18.11 9.06 2.95
N ASP A 241 -17.66 10.30 2.78
CA ASP A 241 -16.44 10.57 2.04
C ASP A 241 -15.57 11.46 2.91
N ILE A 242 -14.27 11.34 2.73
CA ILE A 242 -13.36 12.15 3.51
C ILE A 242 -13.62 13.63 3.26
N SER A 243 -14.17 13.95 2.10
CA SER A 243 -14.44 15.34 1.76
C SER A 243 -15.64 15.88 2.51
N SER A 244 -16.35 15.02 3.22
CA SER A 244 -17.51 15.46 3.99
C SER A 244 -17.21 15.47 5.49
N GLU A 245 -16.01 15.05 5.89
CA GLU A 245 -15.68 15.02 7.30
C GLU A 245 -15.81 16.39 7.95
N ALA A 246 -16.07 16.38 9.25
CA ALA A 246 -16.21 17.59 10.04
C ALA A 246 -14.95 17.79 10.89
N LYS A 247 -14.14 18.77 10.50
CA LYS A 247 -12.93 19.08 11.25
C LYS A 247 -12.73 20.59 11.27
N ILE A 248 -12.03 21.06 12.29
CA ILE A 248 -11.77 22.48 12.42
C ILE A 248 -10.26 22.65 12.42
N LYS A 249 -9.79 23.63 11.67
CA LYS A 249 -8.35 23.89 11.58
C LYS A 249 -8.09 25.33 11.16
N SER A 250 -6.83 25.73 11.26
CA SER A 250 -6.43 27.07 10.90
C SER A 250 -6.73 27.35 9.44
N SER A 251 -7.32 28.51 9.17
CA SER A 251 -7.66 28.90 7.80
C SER A 251 -7.69 30.41 7.72
N ASP A 252 -7.72 30.92 6.50
CA ASP A 252 -7.77 32.35 6.29
C ASP A 252 -9.02 32.93 6.90
N LYS A 253 -10.06 32.12 6.96
CA LYS A 253 -11.34 32.54 7.51
C LYS A 253 -11.21 32.82 9.00
N MET A 254 -10.22 32.18 9.63
CA MET A 254 -9.96 32.32 11.06
C MET A 254 -8.70 31.55 11.48
N PRO A 255 -7.54 32.21 11.53
CA PRO A 255 -6.33 31.49 11.93
C PRO A 255 -6.50 30.79 13.29
N LEU A 256 -5.91 29.60 13.42
CA LEU A 256 -6.00 28.87 14.68
C LEU A 256 -4.66 28.22 14.99
N LEU A 257 -4.41 28.03 16.29
CA LEU A 257 -3.20 27.40 16.79
C LEU A 257 -3.63 26.10 17.41
N ASN A 258 -3.39 24.98 16.74
CA ASN A 258 -3.81 23.68 17.28
C ASN A 258 -3.51 23.62 18.77
N SER A 259 -4.57 23.40 19.55
CA SER A 259 -4.50 23.36 21.00
C SER A 259 -3.74 22.20 21.63
N MET A 260 -3.19 21.28 20.83
CA MET A 260 -2.42 20.18 21.39
C MET A 260 -0.97 20.60 21.67
N LEU A 261 -0.47 21.56 20.92
CA LEU A 261 0.91 22.01 21.07
C LEU A 261 1.34 22.48 22.46
N ALA A 262 0.48 23.23 23.15
CA ALA A 262 0.83 23.73 24.46
C ALA A 262 1.30 22.59 25.35
N SER A 263 0.46 21.59 25.51
CA SER A 263 0.78 20.46 26.35
C SER A 263 1.83 19.51 25.78
N VAL A 264 1.98 19.46 24.45
CA VAL A 264 2.97 18.55 23.89
C VAL A 264 4.37 19.14 23.84
N ASN A 265 4.52 20.35 23.32
CA ASN A 265 5.84 20.94 23.22
C ASN A 265 6.27 21.94 24.29
N GLU A 266 5.35 22.80 24.73
CA GLU A 266 5.69 23.78 25.73
C GLU A 266 5.80 23.16 27.13
N TYR A 267 4.78 22.41 27.55
CA TYR A 267 4.80 21.80 28.88
C TYR A 267 5.49 20.44 28.91
N ASN A 268 5.71 19.86 27.73
CA ASN A 268 6.34 18.55 27.65
C ASN A 268 5.63 17.55 28.57
N GLU A 269 4.29 17.56 28.55
CA GLU A 269 3.53 16.65 29.40
C GLU A 269 2.72 15.58 28.65
N THR A 270 2.33 15.85 27.41
CA THR A 270 1.55 14.87 26.66
C THR A 270 2.42 14.00 25.75
N ARG A 271 2.33 12.69 25.93
CA ARG A 271 3.12 11.77 25.13
C ARG A 271 2.21 10.67 24.63
N MET A 272 2.76 9.82 23.75
CA MET A 272 2.02 8.69 23.19
C MET A 272 1.57 7.77 24.35
N GLY A 273 0.32 7.29 24.30
CA GLY A 273 -0.21 6.42 25.33
C GLY A 273 0.18 4.96 25.18
N ALA A 274 0.31 4.26 26.30
CA ALA A 274 0.70 2.86 26.28
C ALA A 274 -0.34 1.96 25.60
N THR A 275 -1.61 2.29 25.78
CA THR A 275 -2.68 1.49 25.19
C THR A 275 -2.71 1.54 23.66
N ILE A 276 -2.81 2.72 23.08
CA ILE A 276 -2.85 2.76 21.62
C ILE A 276 -1.55 2.28 21.00
N TRP A 277 -0.42 2.56 21.63
CA TRP A 277 0.86 2.09 21.10
C TRP A 277 0.80 0.57 21.00
N GLY A 278 0.24 -0.05 22.04
CA GLY A 278 0.11 -1.50 22.09
C GLY A 278 -0.64 -2.08 20.91
N TYR A 279 -1.73 -1.48 20.52
CA TYR A 279 -2.47 -1.99 19.37
C TYR A 279 -1.69 -1.72 18.08
N LEU A 280 -1.33 -0.47 17.87
CA LEU A 280 -0.61 -0.10 16.67
C LEU A 280 0.62 -0.97 16.47
N ASP A 281 1.33 -1.26 17.57
CA ASP A 281 2.53 -2.07 17.47
C ASP A 281 2.29 -3.54 17.16
N GLY A 282 1.46 -4.19 17.98
CA GLY A 282 1.16 -5.59 17.77
C GLY A 282 0.48 -5.91 16.47
N TYR A 283 -0.29 -4.95 15.94
CA TYR A 283 -1.01 -5.13 14.69
C TYR A 283 -0.17 -4.75 13.48
N LYS A 284 1.02 -4.23 13.72
CA LYS A 284 1.88 -3.79 12.63
C LYS A 284 1.03 -2.81 11.82
N ASP A 285 0.45 -1.84 12.52
CA ASP A 285 -0.41 -0.81 11.94
C ASP A 285 0.43 0.31 11.30
N PRO A 286 0.27 0.56 9.99
CA PRO A 286 1.04 1.63 9.36
C PRO A 286 0.66 3.03 9.85
N ARG A 287 -0.39 3.10 10.66
CA ARG A 287 -0.84 4.38 11.21
C ARG A 287 0.02 4.78 12.39
N LEU A 288 0.84 3.84 12.86
CA LEU A 288 1.72 4.15 14.00
C LEU A 288 2.59 5.34 13.65
N SER A 289 3.32 5.21 12.54
CA SER A 289 4.23 6.25 12.07
C SER A 289 3.51 7.58 11.83
N ALA A 290 2.27 7.53 11.34
CA ALA A 290 1.50 8.73 11.06
C ALA A 290 1.01 9.44 12.32
N TYR A 291 0.72 8.68 13.36
CA TYR A 291 0.21 9.25 14.59
C TYR A 291 1.27 9.80 15.53
N PHE A 292 2.38 9.07 15.67
CA PHE A 292 3.42 9.52 16.59
C PHE A 292 4.81 9.64 15.99
N THR A 293 5.70 10.28 16.73
CA THR A 293 7.08 10.47 16.32
C THR A 293 7.89 9.43 17.06
N GLU A 294 9.19 9.36 16.76
CA GLU A 294 10.04 8.41 17.45
C GLU A 294 10.78 9.14 18.58
N GLY A 295 10.69 8.57 19.77
CA GLY A 295 11.34 9.19 20.90
C GLY A 295 12.77 8.70 21.06
N THR A 296 13.46 9.31 22.02
CA THR A 296 14.84 8.96 22.30
C THR A 296 14.99 8.59 23.76
N TYR A 297 16.00 7.78 24.05
CA TYR A 297 16.29 7.35 25.41
C TYR A 297 17.80 7.45 25.56
N GLY A 298 18.23 8.23 26.54
CA GLY A 298 19.66 8.42 26.75
C GLY A 298 20.20 9.48 25.80
N SER A 299 21.40 9.27 25.28
CA SER A 299 22.03 10.22 24.34
C SER A 299 23.39 9.74 23.85
N GLY A 300 23.78 10.20 22.66
CA GLY A 300 25.07 9.82 22.11
C GLY A 300 25.15 8.39 21.57
N SER A 301 25.99 7.56 22.18
CA SER A 301 26.15 6.18 21.72
C SER A 301 25.01 5.26 22.16
N TRP A 302 24.91 5.01 23.45
CA TRP A 302 23.87 4.13 24.00
C TRP A 302 22.46 4.72 23.95
N ALA A 303 22.22 5.59 22.96
CA ALA A 303 20.93 6.22 22.81
C ALA A 303 20.02 5.42 21.86
N GLN A 304 18.85 5.02 22.36
CA GLN A 304 17.89 4.26 21.57
C GLN A 304 16.81 5.17 20.98
N THR A 305 16.50 4.98 19.71
CA THR A 305 15.48 5.81 19.06
C THR A 305 14.33 4.98 18.50
N GLY A 306 13.28 4.81 19.30
CA GLY A 306 12.14 4.04 18.86
C GLY A 306 10.79 4.63 19.25
N TYR A 307 9.79 3.77 19.39
CA TYR A 307 8.44 4.17 19.76
C TYR A 307 8.22 3.83 21.22
N PHE A 308 8.54 4.78 22.11
CA PHE A 308 8.41 4.58 23.55
C PHE A 308 7.20 5.35 24.06
N PRO A 309 6.23 4.64 24.64
CA PRO A 309 5.01 5.26 25.17
C PRO A 309 5.13 5.48 26.66
N VAL A 310 4.24 6.30 27.19
CA VAL A 310 4.18 6.58 28.61
C VAL A 310 2.93 5.82 29.11
N ALA A 311 3.02 5.23 30.29
CA ALA A 311 1.90 4.48 30.84
C ALA A 311 0.71 5.37 31.25
N PRO A 312 -0.50 4.79 31.27
CA PRO A 312 -1.67 5.57 31.65
C PRO A 312 -1.69 5.96 33.13
N THR A 313 -2.42 7.03 33.44
CA THR A 313 -2.53 7.55 34.79
C THR A 313 -1.20 7.37 35.52
N ASN A 314 -0.18 7.98 34.92
CA ASN A 314 1.19 7.95 35.41
C ASN A 314 1.28 8.33 36.87
N SER A 315 2.18 7.67 37.58
CA SER A 315 2.39 7.90 39.00
C SER A 315 3.67 8.72 39.25
N LYS A 316 4.62 8.66 38.33
CA LYS A 316 5.87 9.41 38.47
C LYS A 316 5.69 10.91 38.25
N SER A 317 6.59 11.71 38.80
CA SER A 317 6.51 13.15 38.63
C SER A 317 7.15 13.54 37.31
N LYS A 318 6.91 14.78 36.89
CA LYS A 318 7.48 15.24 35.64
C LYS A 318 9.00 15.23 35.70
N SER A 319 9.60 14.70 34.66
CA SER A 319 11.05 14.63 34.56
C SER A 319 11.43 15.18 33.20
N GLU A 320 12.62 15.78 33.12
CA GLU A 320 13.07 16.33 31.85
C GLU A 320 14.44 15.81 31.46
N THR A 321 14.86 14.69 32.05
CA THR A 321 16.16 14.10 31.74
C THR A 321 16.16 13.42 30.37
N SER A 322 17.32 12.99 29.89
CA SER A 322 17.39 12.32 28.59
C SER A 322 16.87 10.90 28.72
N TYR A 323 16.56 10.52 29.95
CA TYR A 323 16.04 9.19 30.24
C TYR A 323 14.56 9.29 30.64
N SER A 324 14.04 10.51 30.65
CA SER A 324 12.66 10.76 31.03
C SER A 324 11.66 10.65 29.88
N ALA A 325 10.39 10.87 30.24
CA ALA A 325 9.28 10.82 29.30
C ALA A 325 9.30 12.07 28.43
N LYS A 326 10.09 13.06 28.83
CA LYS A 326 10.16 14.27 28.05
C LYS A 326 10.60 13.89 26.62
N PHE A 327 11.36 12.79 26.50
CA PHE A 327 11.82 12.37 25.19
C PHE A 327 11.18 11.09 24.67
N ALA A 328 9.97 10.83 25.16
CA ALA A 328 9.18 9.67 24.75
C ALA A 328 8.50 10.09 23.44
N SER A 329 7.79 9.18 22.80
CA SER A 329 7.11 9.54 21.55
C SER A 329 6.03 10.60 21.73
N ARG A 330 5.91 11.50 20.76
CA ARG A 330 4.91 12.55 20.82
C ARG A 330 3.93 12.42 19.65
N PRO A 331 2.69 12.84 19.86
CA PRO A 331 1.76 12.74 18.74
C PRO A 331 2.24 13.75 17.70
N LYS A 332 2.24 13.38 16.43
CA LYS A 332 2.68 14.31 15.38
C LYS A 332 1.65 15.42 15.27
N VAL A 333 2.07 16.67 15.41
CA VAL A 333 1.10 17.75 15.32
C VAL A 333 1.77 19.11 15.25
N ASP A 334 1.16 20.04 14.52
CA ASP A 334 1.69 21.38 14.47
C ASP A 334 0.55 22.39 14.43
N SER A 335 0.89 23.67 14.46
CA SER A 335 -0.11 24.72 14.47
C SER A 335 -1.26 24.52 13.48
N ASN A 336 -0.97 23.89 12.34
CA ASN A 336 -2.01 23.69 11.34
C ASN A 336 -2.82 22.42 11.44
N SER A 337 -2.35 21.46 12.22
CA SER A 337 -3.07 20.21 12.38
C SER A 337 -4.51 20.51 12.76
N PRO A 338 -5.45 19.70 12.28
CA PRO A 338 -6.83 19.98 12.63
C PRO A 338 -7.28 19.18 13.84
N LEU A 339 -8.50 19.44 14.29
CA LEU A 339 -9.13 18.71 15.38
C LEU A 339 -10.39 18.17 14.72
N TYR A 340 -10.65 16.88 14.87
CA TYR A 340 -11.81 16.28 14.22
C TYR A 340 -13.04 16.10 15.06
N TRP A 341 -14.19 16.36 14.45
CA TRP A 341 -15.49 16.20 15.10
C TRP A 341 -16.10 14.86 14.70
N PHE A 342 -16.11 14.60 13.39
CA PHE A 342 -16.68 13.37 12.84
C PHE A 342 -16.10 13.05 11.46
N ARG A 343 -15.52 11.86 11.31
CA ARG A 343 -14.92 11.46 10.04
C ARG A 343 -15.67 10.31 9.39
N ALA A 344 -15.48 10.13 8.10
CA ALA A 344 -16.14 9.06 7.39
C ALA A 344 -15.88 7.69 8.01
N SER A 345 -14.66 7.46 8.47
CA SER A 345 -14.33 6.16 9.06
C SER A 345 -15.27 5.80 10.19
N GLU A 346 -15.63 6.77 11.03
CA GLU A 346 -16.53 6.45 12.11
C GLU A 346 -17.90 5.96 11.58
N THR A 347 -18.41 6.61 10.54
CA THR A 347 -19.69 6.22 9.95
C THR A 347 -19.72 4.74 9.67
N TYR A 348 -18.70 4.24 8.99
CA TYR A 348 -18.63 2.82 8.64
C TYR A 348 -18.58 1.89 9.84
N PHE A 349 -17.86 2.29 10.89
CA PHE A 349 -17.79 1.46 12.08
C PHE A 349 -19.13 1.48 12.78
N LEU A 350 -19.83 2.60 12.70
CA LEU A 350 -21.15 2.68 13.32
C LEU A 350 -22.11 1.75 12.61
N LYS A 351 -22.08 1.78 11.29
CA LYS A 351 -22.95 0.92 10.49
C LYS A 351 -22.59 -0.54 10.77
N ALA A 352 -21.31 -0.80 10.97
CA ALA A 352 -20.87 -2.16 11.25
C ALA A 352 -21.56 -2.63 12.54
N GLU A 353 -21.57 -1.80 13.57
CA GLU A 353 -22.24 -2.21 14.79
C GLU A 353 -23.73 -2.28 14.58
N ALA A 354 -24.23 -1.37 13.76
CA ALA A 354 -25.66 -1.32 13.46
C ALA A 354 -26.04 -2.60 12.72
N ALA A 355 -25.29 -2.91 11.68
CA ALA A 355 -25.55 -4.12 10.90
C ALA A 355 -25.44 -5.36 11.80
N LEU A 356 -24.50 -5.32 12.74
CA LEU A 356 -24.26 -6.43 13.65
C LEU A 356 -25.41 -6.67 14.64
N TYR A 357 -26.29 -5.69 14.78
CA TYR A 357 -27.41 -5.84 15.70
C TYR A 357 -28.73 -5.63 15.00
N ASN A 358 -28.73 -5.90 13.69
CA ASN A 358 -29.93 -5.81 12.88
C ASN A 358 -30.63 -4.45 12.82
N LEU A 359 -29.86 -3.37 12.97
CA LEU A 359 -30.44 -2.04 12.88
C LEU A 359 -30.51 -1.66 11.40
N ILE A 360 -29.57 -2.19 10.63
CA ILE A 360 -29.54 -1.97 9.18
C ILE A 360 -29.05 -3.30 8.60
N GLY A 361 -29.21 -3.50 7.30
CA GLY A 361 -28.77 -4.73 6.69
C GLY A 361 -27.35 -4.64 6.18
N GLY A 362 -26.85 -5.76 5.65
CA GLY A 362 -25.50 -5.77 5.12
C GLY A 362 -24.57 -6.57 6.02
N ASP A 363 -23.50 -7.10 5.45
CA ASP A 363 -22.57 -7.87 6.25
C ASP A 363 -21.75 -6.95 7.17
N PRO A 364 -21.81 -7.19 8.49
CA PRO A 364 -21.05 -6.35 9.41
C PRO A 364 -19.60 -6.29 8.94
N LYS A 365 -19.15 -7.41 8.39
CA LYS A 365 -17.79 -7.48 7.90
C LYS A 365 -17.48 -6.50 6.76
N THR A 366 -18.43 -6.26 5.86
CA THR A 366 -18.11 -5.34 4.77
C THR A 366 -17.91 -3.90 5.27
N PHE A 367 -18.77 -3.46 6.18
CA PHE A 367 -18.65 -2.11 6.73
C PHE A 367 -17.35 -2.00 7.53
N TYR A 368 -17.03 -3.07 8.25
CA TYR A 368 -15.83 -3.13 9.09
C TYR A 368 -14.59 -2.85 8.25
N GLU A 369 -14.31 -3.75 7.30
CA GLU A 369 -13.14 -3.61 6.43
C GLU A 369 -13.13 -2.25 5.72
N GLN A 370 -14.29 -1.83 5.20
CA GLN A 370 -14.34 -0.54 4.52
C GLN A 370 -14.00 0.57 5.51
N GLY A 371 -14.41 0.40 6.76
CA GLY A 371 -14.11 1.41 7.77
C GLY A 371 -12.61 1.55 7.88
N ILE A 372 -11.92 0.43 7.92
CA ILE A 372 -10.46 0.45 8.05
C ILE A 372 -9.83 1.09 6.81
N ASN A 373 -10.30 0.71 5.64
CA ASN A 373 -9.78 1.27 4.40
C ASN A 373 -9.85 2.81 4.40
N ILE A 374 -11.01 3.36 4.76
CA ILE A 374 -11.18 4.80 4.80
C ILE A 374 -10.24 5.43 5.83
N SER A 375 -10.11 4.78 6.98
CA SER A 375 -9.23 5.28 8.03
C SER A 375 -7.82 5.42 7.50
N PHE A 376 -7.37 4.46 6.69
CA PHE A 376 -6.02 4.51 6.11
C PHE A 376 -5.91 5.64 5.13
N GLN A 377 -6.94 5.78 4.31
CA GLN A 377 -6.95 6.86 3.35
C GLN A 377 -6.89 8.21 4.08
N GLU A 378 -7.51 8.30 5.25
CA GLU A 378 -7.51 9.55 6.02
C GLU A 378 -6.13 9.79 6.63
N GLN A 379 -5.44 8.71 6.96
CA GLN A 379 -4.12 8.84 7.56
C GLN A 379 -3.05 8.87 6.49
N GLY A 380 -3.47 8.75 5.23
CA GLY A 380 -2.52 8.76 4.14
C GLY A 380 -1.58 7.58 4.07
N VAL A 381 -1.97 6.44 4.64
CA VAL A 381 -1.12 5.25 4.59
C VAL A 381 -1.78 4.16 3.76
N SER A 382 -1.18 2.98 3.70
CA SER A 382 -1.80 1.89 2.93
C SER A 382 -1.36 0.49 3.36
N GLY A 383 -1.85 -0.51 2.63
CA GLY A 383 -1.51 -1.88 2.96
C GLY A 383 -2.65 -2.50 3.76
N VAL A 384 -3.86 -2.06 3.46
CA VAL A 384 -5.06 -2.56 4.12
C VAL A 384 -5.19 -4.08 4.05
N ALA A 385 -5.15 -4.65 2.85
CA ALA A 385 -5.29 -6.10 2.70
C ALA A 385 -4.34 -6.90 3.59
N THR A 386 -3.12 -6.41 3.78
CA THR A 386 -2.16 -7.12 4.62
C THR A 386 -2.57 -6.97 6.08
N TYR A 387 -3.00 -5.78 6.45
CA TYR A 387 -3.42 -5.47 7.80
C TYR A 387 -4.65 -6.30 8.20
N LEU A 388 -5.62 -6.40 7.29
CA LEU A 388 -6.84 -7.16 7.54
C LEU A 388 -6.56 -8.66 7.61
N SER A 389 -5.39 -9.06 7.15
CA SER A 389 -5.04 -10.47 7.18
C SER A 389 -4.27 -10.82 8.44
N GLY A 390 -3.84 -9.78 9.16
CA GLY A 390 -3.07 -9.99 10.37
C GLY A 390 -3.85 -10.69 11.46
N THR A 391 -3.14 -11.42 12.30
CA THR A 391 -3.76 -12.14 13.40
C THR A 391 -2.94 -11.94 14.67
N GLY A 392 -1.93 -11.08 14.55
CA GLY A 392 -1.07 -10.78 15.68
C GLY A 392 -1.92 -10.13 16.74
N LYS A 393 -1.47 -10.24 17.98
CA LYS A 393 -2.18 -9.66 19.10
C LYS A 393 -1.54 -8.35 19.51
N PRO A 394 -2.30 -7.48 20.20
CA PRO A 394 -1.72 -6.22 20.64
C PRO A 394 -0.49 -6.50 21.49
N THR A 395 0.42 -5.55 21.57
CA THR A 395 1.63 -5.74 22.35
C THR A 395 1.50 -5.18 23.75
N GLY A 396 2.08 -5.88 24.71
CA GLY A 396 2.01 -5.45 26.09
C GLY A 396 3.25 -4.75 26.58
N LEU A 397 3.16 -4.20 27.78
CA LEU A 397 4.28 -3.51 28.39
C LEU A 397 4.67 -4.34 29.61
N THR A 398 5.68 -5.17 29.47
CA THR A 398 6.10 -5.99 30.59
C THR A 398 7.04 -5.16 31.47
N GLY A 399 7.51 -5.76 32.55
CA GLY A 399 8.41 -5.07 33.45
C GLY A 399 9.56 -4.36 32.74
N SER A 400 10.56 -5.12 32.33
CA SER A 400 11.74 -4.58 31.65
C SER A 400 11.56 -4.05 30.22
N ASN A 401 10.51 -3.28 29.97
CA ASN A 401 10.29 -2.71 28.65
C ASN A 401 9.81 -1.29 28.86
N TYR A 402 9.22 -1.07 30.03
CA TYR A 402 8.74 0.25 30.38
C TYR A 402 9.88 0.89 31.14
N LYS A 403 10.50 1.85 30.46
CA LYS A 403 11.65 2.57 30.97
C LYS A 403 11.35 3.79 31.85
N TYR A 404 10.11 4.22 31.96
CA TYR A 404 9.81 5.41 32.75
C TYR A 404 9.28 5.15 34.15
N GLY A 405 9.63 4.00 34.70
CA GLY A 405 9.18 3.64 36.03
C GLY A 405 8.80 2.18 36.02
N THR A 406 8.21 1.70 37.11
CA THR A 406 7.80 0.32 37.15
C THR A 406 6.34 0.20 36.79
N TYR A 407 6.09 -0.61 35.78
CA TYR A 407 4.76 -0.80 35.29
C TYR A 407 4.75 -1.91 34.28
N ASN A 408 3.66 -2.65 34.24
CA ASN A 408 3.52 -3.70 33.27
C ASN A 408 2.07 -4.09 33.20
N HIS A 409 1.69 -4.56 32.01
CA HIS A 409 0.34 -4.98 31.73
C HIS A 409 0.41 -5.71 30.41
N ASP A 410 -0.21 -6.89 30.36
CA ASP A 410 -0.21 -7.67 29.14
C ASP A 410 -1.47 -7.29 28.36
N LEU A 411 -1.32 -6.49 27.32
CA LEU A 411 -2.48 -6.07 26.56
C LEU A 411 -3.01 -7.16 25.64
N SER A 412 -2.23 -8.22 25.42
CA SER A 412 -2.65 -9.29 24.54
C SER A 412 -3.65 -10.29 25.15
N ILE A 413 -3.50 -10.58 26.43
CA ILE A 413 -4.39 -11.52 27.11
C ILE A 413 -5.85 -11.39 26.68
N GLY A 414 -6.38 -12.43 26.06
CA GLY A 414 -7.77 -12.41 25.65
C GLY A 414 -8.16 -11.31 24.70
N ASN A 415 -7.19 -10.77 23.96
CA ASN A 415 -7.48 -9.69 23.03
C ASN A 415 -7.57 -10.19 21.59
N THR A 416 -8.46 -9.60 20.82
CA THR A 416 -8.66 -10.01 19.43
C THR A 416 -7.68 -9.33 18.50
N SER A 417 -7.71 -9.73 17.23
CA SER A 417 -6.83 -9.17 16.20
C SER A 417 -7.67 -8.61 15.04
N PRO A 418 -7.02 -7.95 14.07
CA PRO A 418 -7.68 -7.35 12.90
C PRO A 418 -8.51 -8.24 11.98
N LYS A 419 -8.08 -9.49 11.82
CA LYS A 419 -8.78 -10.43 10.95
C LYS A 419 -10.20 -10.70 11.47
N TRP A 420 -11.17 -10.47 10.60
CA TRP A 420 -12.57 -10.66 10.94
C TRP A 420 -12.90 -12.11 11.28
N ASP A 421 -12.32 -13.04 10.53
CA ASP A 421 -12.59 -14.46 10.75
C ASP A 421 -11.72 -15.07 11.81
N ASP A 422 -10.81 -14.31 12.38
CA ASP A 422 -9.93 -14.86 13.40
C ASP A 422 -10.47 -14.59 14.80
N TYR A 423 -10.97 -15.64 15.45
CA TYR A 423 -11.55 -15.50 16.79
C TYR A 423 -10.72 -16.11 17.90
N THR A 424 -10.97 -15.66 19.13
CA THR A 424 -10.21 -16.13 20.28
C THR A 424 -10.86 -17.28 21.04
N GLY A 425 -12.17 -17.40 20.96
CA GLY A 425 -12.86 -18.45 21.67
C GLY A 425 -13.30 -17.97 23.05
N ASN A 426 -12.76 -16.85 23.49
CA ASN A 426 -13.11 -16.32 24.81
C ASN A 426 -14.44 -15.59 24.92
N LEU A 427 -15.03 -15.22 23.78
CA LEU A 427 -16.30 -14.51 23.80
C LEU A 427 -17.17 -15.13 22.72
N SER A 428 -18.47 -14.85 22.72
CA SER A 428 -19.32 -15.38 21.66
C SER A 428 -18.83 -14.69 20.39
N LYS A 429 -19.13 -15.26 19.23
CA LYS A 429 -18.69 -14.65 17.97
C LYS A 429 -19.23 -13.23 17.82
N GLN A 430 -20.49 -13.02 18.21
CA GLN A 430 -21.09 -11.71 18.12
C GLN A 430 -20.33 -10.71 19.00
N GLU A 431 -20.03 -11.12 20.23
CA GLU A 431 -19.30 -10.25 21.14
C GLU A 431 -17.89 -9.94 20.65
N GLU A 432 -17.23 -10.86 19.94
CA GLU A 432 -15.88 -10.55 19.50
C GLU A 432 -15.91 -9.64 18.30
N GLN A 433 -16.89 -9.83 17.43
CA GLN A 433 -17.01 -8.97 16.26
C GLN A 433 -17.21 -7.53 16.70
N LEU A 434 -17.96 -7.32 17.79
CA LEU A 434 -18.18 -5.96 18.30
C LEU A 434 -16.86 -5.46 18.85
N GLN A 435 -16.10 -6.38 19.45
CA GLN A 435 -14.81 -6.05 20.00
C GLN A 435 -13.91 -5.57 18.86
N LYS A 436 -13.90 -6.32 17.76
CA LYS A 436 -13.09 -5.95 16.61
C LYS A 436 -13.49 -4.57 16.11
N ILE A 437 -14.80 -4.35 15.97
CA ILE A 437 -15.33 -3.10 15.49
C ILE A 437 -14.91 -1.92 16.38
N ILE A 438 -15.25 -1.99 17.66
CA ILE A 438 -14.91 -0.90 18.57
C ILE A 438 -13.39 -0.68 18.67
N THR A 439 -12.62 -1.75 18.56
CA THR A 439 -11.18 -1.60 18.62
C THR A 439 -10.68 -0.82 17.42
N GLN A 440 -10.99 -1.27 16.22
CA GLN A 440 -10.57 -0.57 15.01
C GLN A 440 -11.13 0.84 14.95
N LYS A 441 -12.29 1.06 15.57
CA LYS A 441 -12.90 2.37 15.58
C LYS A 441 -12.08 3.27 16.49
N TYR A 442 -11.54 2.66 17.55
CA TYR A 442 -10.71 3.34 18.54
C TYR A 442 -9.45 3.87 17.83
N LEU A 443 -8.88 3.05 16.95
CA LEU A 443 -7.68 3.43 16.19
C LEU A 443 -8.00 4.52 15.15
N ALA A 444 -9.19 4.45 14.56
CA ALA A 444 -9.60 5.43 13.55
C ALA A 444 -10.03 6.75 14.15
N LEU A 445 -10.58 6.69 15.36
CA LEU A 445 -11.07 7.86 16.09
C LEU A 445 -10.00 8.83 16.53
N TYR A 446 -8.81 8.31 16.81
CA TYR A 446 -7.68 9.13 17.29
C TYR A 446 -7.49 10.44 16.47
N PRO A 447 -7.29 11.58 17.17
CA PRO A 447 -7.22 11.79 18.61
C PRO A 447 -8.50 12.24 19.31
N ASN A 448 -9.66 11.82 18.81
CA ASN A 448 -10.94 12.16 19.44
C ASN A 448 -11.06 11.39 20.78
N ALA A 449 -10.27 11.82 21.75
CA ALA A 449 -10.24 11.18 23.05
C ALA A 449 -11.57 11.01 23.79
N VAL A 450 -12.46 11.99 23.71
CA VAL A 450 -13.72 11.87 24.43
C VAL A 450 -14.69 10.85 23.85
N GLU A 451 -14.70 10.71 22.53
CA GLU A 451 -15.61 9.75 21.91
C GLU A 451 -15.12 8.32 22.15
N ALA A 452 -13.81 8.13 22.11
CA ALA A 452 -13.25 6.80 22.33
C ALA A 452 -13.49 6.38 23.78
N TRP A 453 -13.28 7.31 24.70
CA TRP A 453 -13.50 7.02 26.11
C TRP A 453 -14.97 6.68 26.39
N THR A 454 -15.87 7.37 25.70
CA THR A 454 -17.29 7.13 25.87
C THR A 454 -17.60 5.73 25.36
N GLU A 455 -17.05 5.38 24.20
CA GLU A 455 -17.32 4.08 23.64
C GLU A 455 -16.75 2.97 24.49
N TYR A 456 -15.67 3.23 25.22
CA TYR A 456 -15.12 2.20 26.08
C TYR A 456 -16.10 1.93 27.22
N ARG A 457 -16.53 3.00 27.87
CA ARG A 457 -17.45 2.90 28.99
C ARG A 457 -18.78 2.25 28.60
N ARG A 458 -19.13 2.38 27.32
CA ARG A 458 -20.37 1.81 26.83
C ARG A 458 -20.24 0.33 26.48
N THR A 459 -19.22 0.00 25.70
CA THR A 459 -19.07 -1.38 25.25
C THR A 459 -18.06 -2.22 26.00
N GLY A 460 -17.10 -1.57 26.66
CA GLY A 460 -16.08 -2.29 27.40
C GLY A 460 -14.89 -2.60 26.50
N PHE A 461 -14.92 -2.06 25.30
CA PHE A 461 -13.84 -2.26 24.33
C PHE A 461 -13.25 -0.93 23.87
N PRO A 462 -11.98 -0.95 23.44
CA PRO A 462 -11.13 -2.13 23.40
C PRO A 462 -10.47 -2.27 24.77
N TYR A 463 -9.92 -3.44 25.09
CA TYR A 463 -9.29 -3.59 26.39
C TYR A 463 -8.19 -2.53 26.54
N LEU A 464 -8.08 -1.97 27.74
CA LEU A 464 -7.11 -0.93 28.01
C LEU A 464 -6.01 -1.36 28.98
N MET A 465 -4.90 -0.63 28.97
CA MET A 465 -3.79 -0.89 29.87
C MET A 465 -4.24 -0.28 31.18
N LYS A 466 -4.08 -1.01 32.28
CA LYS A 466 -4.50 -0.54 33.61
C LYS A 466 -3.75 0.73 34.01
N PRO A 467 -4.35 1.56 34.86
CA PRO A 467 -3.63 2.77 35.24
C PRO A 467 -2.39 2.45 36.08
N MET A 468 -1.39 3.33 36.07
CA MET A 468 -0.18 3.10 36.84
C MET A 468 -0.41 3.50 38.29
N ASP A 469 -1.03 4.66 38.51
CA ASP A 469 -1.30 5.11 39.87
C ASP A 469 -2.37 4.25 40.51
N GLU A 470 -1.96 3.34 41.38
CA GLU A 470 -2.92 2.45 42.02
C GLU A 470 -3.91 3.11 42.97
N ALA A 471 -3.63 4.34 43.38
CA ALA A 471 -4.54 5.04 44.29
C ALA A 471 -5.58 5.76 43.46
N ALA A 472 -5.47 5.65 42.15
CA ALA A 472 -6.41 6.31 41.26
C ALA A 472 -7.85 5.83 41.46
N PRO A 473 -8.11 4.54 41.26
CA PRO A 473 -9.49 4.06 41.43
C PRO A 473 -10.11 4.50 42.74
N GLY A 474 -9.32 4.43 43.81
CA GLY A 474 -9.82 4.80 45.11
C GLY A 474 -10.31 6.23 45.19
N ARG A 475 -9.67 7.14 44.46
CA ARG A 475 -10.04 8.56 44.48
C ARG A 475 -11.46 8.85 43.99
N ILE A 476 -12.08 7.91 43.30
CA ILE A 476 -13.42 8.12 42.79
C ILE A 476 -14.44 7.14 43.35
N GLY A 477 -14.00 6.26 44.23
CA GLY A 477 -14.90 5.31 44.84
C GLY A 477 -15.03 3.99 44.12
N ALA A 478 -13.91 3.44 43.67
CA ALA A 478 -13.93 2.16 42.95
C ALA A 478 -12.71 1.30 43.30
N SER A 479 -12.67 0.07 42.78
CA SER A 479 -11.56 -0.83 43.06
C SER A 479 -10.65 -1.03 41.84
N ILE A 480 -9.35 -1.09 42.09
CA ILE A 480 -8.34 -1.28 41.05
C ILE A 480 -8.56 -2.59 40.30
N GLU A 481 -9.04 -3.60 41.03
CA GLU A 481 -9.28 -4.94 40.49
C GLU A 481 -9.90 -4.97 39.10
N ASP A 482 -10.92 -4.14 38.88
CA ASP A 482 -11.57 -4.11 37.58
C ASP A 482 -11.41 -2.77 36.86
N CYS A 483 -11.72 -1.69 37.58
CA CYS A 483 -11.66 -0.34 37.04
C CYS A 483 -10.39 0.05 36.29
N ARG A 484 -10.56 0.38 35.01
CA ARG A 484 -9.46 0.80 34.17
C ARG A 484 -9.62 2.27 33.82
N VAL A 485 -10.80 2.84 34.08
CA VAL A 485 -11.08 4.27 33.79
C VAL A 485 -12.26 4.79 34.59
N PRO A 486 -12.34 6.12 34.80
CA PRO A 486 -13.48 6.66 35.55
C PRO A 486 -14.78 6.49 34.72
N GLU A 487 -15.91 6.32 35.37
CA GLU A 487 -17.15 6.16 34.63
C GLU A 487 -17.74 7.49 34.14
N ARG A 488 -17.33 8.58 34.79
CA ARG A 488 -17.82 9.93 34.48
C ARG A 488 -17.08 10.92 35.37
N PHE A 489 -17.22 12.21 35.06
CA PHE A 489 -16.63 13.25 35.90
C PHE A 489 -17.73 13.57 36.91
N ARG A 490 -17.37 14.13 38.06
CA ARG A 490 -18.42 14.49 39.01
C ARG A 490 -18.59 16.01 38.94
N PHE A 491 -19.76 16.49 39.33
CA PHE A 491 -20.01 17.92 39.32
C PHE A 491 -19.33 18.52 40.58
N ALA A 492 -18.70 19.67 40.43
CA ALA A 492 -18.06 20.31 41.57
C ALA A 492 -19.14 20.53 42.62
N PRO A 493 -18.90 20.07 43.86
CA PRO A 493 -19.88 20.23 44.93
C PRO A 493 -20.40 21.65 45.12
N THR A 494 -19.49 22.62 45.11
CA THR A 494 -19.87 24.01 45.31
C THR A 494 -20.90 24.45 44.28
N ALA A 495 -21.00 23.75 43.17
CA ALA A 495 -21.94 24.12 42.13
C ALA A 495 -23.39 24.00 42.63
N TYR A 496 -23.60 23.14 43.61
CA TYR A 496 -24.94 22.91 44.17
C TYR A 496 -25.46 24.14 44.92
N ASN A 497 -24.52 24.88 45.51
CA ASN A 497 -24.85 26.09 46.26
C ASN A 497 -25.53 27.15 45.40
N SER A 498 -25.15 27.25 44.13
CA SER A 498 -25.71 28.26 43.22
C SER A 498 -26.95 27.77 42.48
N ASN A 499 -27.12 26.45 42.38
CA ASN A 499 -28.29 25.91 41.70
C ASN A 499 -28.98 24.90 42.60
N PRO A 500 -30.11 25.28 43.19
CA PRO A 500 -30.83 24.37 44.08
C PRO A 500 -31.43 23.17 43.36
N ASN A 501 -31.37 23.17 42.03
CA ASN A 501 -31.91 22.04 41.28
C ASN A 501 -30.93 20.86 41.20
N MET A 502 -29.64 21.13 41.27
CA MET A 502 -28.64 20.07 41.22
C MET A 502 -28.80 19.05 42.35
N ALA A 503 -29.52 19.44 43.39
CA ALA A 503 -29.76 18.55 44.53
C ALA A 503 -30.36 17.23 44.02
N GLU A 504 -30.96 17.30 42.84
CA GLU A 504 -31.60 16.16 42.20
C GLU A 504 -30.63 15.25 41.42
N ILE A 505 -29.47 15.79 41.04
CA ILE A 505 -28.46 15.06 40.26
C ILE A 505 -28.30 13.58 40.61
N PRO A 506 -28.01 13.26 41.88
CA PRO A 506 -27.84 11.86 42.24
C PRO A 506 -29.04 10.98 41.86
N THR A 507 -30.24 11.50 42.04
CA THR A 507 -31.42 10.72 41.69
C THR A 507 -31.43 10.50 40.16
N LEU A 508 -31.14 11.56 39.41
CA LEU A 508 -31.12 11.46 37.96
C LEU A 508 -30.00 10.51 37.53
N LEU A 509 -28.96 10.42 38.37
CA LEU A 509 -27.82 9.57 38.07
C LEU A 509 -28.06 8.13 38.46
N GLY A 510 -28.81 7.94 39.53
CA GLY A 510 -29.08 6.59 40.02
C GLY A 510 -27.94 6.18 40.91
N GLY A 511 -27.15 7.16 41.33
CA GLY A 511 -26.01 6.88 42.19
C GLY A 511 -25.43 8.18 42.70
N GLY A 512 -24.41 8.09 43.55
CA GLY A 512 -23.82 9.30 44.08
C GLY A 512 -23.08 10.07 43.00
N ASP A 513 -22.93 11.37 43.19
CA ASP A 513 -22.21 12.18 42.22
C ASP A 513 -20.72 11.99 42.42
N ILE A 514 -20.21 10.85 41.95
CA ILE A 514 -18.80 10.49 42.05
C ILE A 514 -18.39 9.83 40.73
N GLY A 515 -17.09 9.74 40.49
CA GLY A 515 -16.59 9.17 39.25
C GLY A 515 -16.82 7.69 39.04
N ALA A 516 -17.17 6.98 40.11
CA ALA A 516 -17.38 5.54 40.01
C ALA A 516 -18.75 5.13 39.47
N THR A 517 -19.72 6.03 39.58
CA THR A 517 -21.09 5.78 39.11
C THR A 517 -21.20 5.63 37.59
N LYS A 518 -21.86 4.56 37.15
CA LYS A 518 -22.02 4.30 35.72
C LYS A 518 -23.12 5.12 35.07
N LEU A 519 -22.96 5.43 33.79
CA LEU A 519 -23.94 6.24 33.10
C LEU A 519 -25.07 5.42 32.47
N TRP A 520 -26.08 6.13 32.00
CA TRP A 520 -27.25 5.49 31.41
C TRP A 520 -27.00 4.48 30.28
N TRP A 521 -26.06 4.78 29.39
CA TRP A 521 -25.82 3.89 28.27
C TRP A 521 -24.81 2.78 28.45
N VAL A 522 -24.36 2.55 29.68
CA VAL A 522 -23.40 1.46 29.87
C VAL A 522 -24.20 0.18 29.74
N ARG A 523 -23.83 -0.68 28.80
CA ARG A 523 -24.55 -1.93 28.58
C ARG A 523 -24.34 -2.93 29.70
N SER A 524 -25.31 -3.81 29.93
CA SER A 524 -25.15 -4.79 31.00
C SER A 524 -24.14 -5.88 30.64
N ASN A 525 -23.40 -6.32 31.66
CA ASN A 525 -22.38 -7.36 31.52
C ASN A 525 -21.23 -6.86 30.68
N ARG A 526 -20.90 -5.58 30.84
CA ARG A 526 -19.82 -4.99 30.09
C ARG A 526 -18.60 -5.88 30.25
N PRO A 527 -18.07 -6.42 29.14
CA PRO A 527 -16.90 -7.30 29.16
C PRO A 527 -15.71 -6.71 29.91
N LYS A 528 -14.84 -7.58 30.40
CA LYS A 528 -13.63 -7.17 31.13
C LYS A 528 -12.47 -8.06 30.69
N GLN A 529 -11.32 -7.46 30.45
CA GLN A 529 -10.18 -8.24 30.02
C GLN A 529 -9.77 -9.19 31.14
N PRO A 530 -9.30 -10.39 30.78
CA PRO A 530 -8.87 -11.37 31.78
C PRO A 530 -7.46 -10.97 32.22
N ASN A 531 -7.18 -10.99 33.52
CA ASN A 531 -5.84 -10.63 33.99
C ASN A 531 -4.90 -11.83 33.95
N GLN A 532 -5.50 -13.01 34.00
CA GLN A 532 -4.75 -14.26 33.99
C GLN A 532 -4.19 -14.54 35.38
N LEU B 20 12.45 -40.32 -41.52
CA LEU B 20 13.69 -39.71 -40.95
C LEU B 20 13.40 -39.04 -39.62
N GLY B 21 12.49 -38.08 -39.62
CA GLY B 21 12.13 -37.38 -38.39
C GLY B 21 11.47 -38.35 -37.41
N PRO B 22 10.53 -39.19 -37.87
CA PRO B 22 9.82 -40.17 -37.05
C PRO B 22 10.69 -41.25 -36.42
N LEU B 23 12.01 -41.10 -36.49
CA LEU B 23 12.89 -42.14 -35.93
C LEU B 23 14.15 -41.62 -35.26
N LYS B 24 14.58 -40.42 -35.62
CA LYS B 24 15.80 -39.86 -35.05
C LYS B 24 15.70 -38.53 -34.31
N TYR B 25 15.09 -37.53 -34.93
CA TYR B 25 15.02 -36.22 -34.30
C TYR B 25 13.63 -35.60 -34.05
N GLY B 26 12.59 -36.14 -34.66
CA GLY B 26 11.26 -35.58 -34.48
C GLY B 26 10.92 -35.15 -33.07
N ALA B 27 10.95 -36.11 -32.14
CA ALA B 27 10.63 -35.87 -30.74
C ALA B 27 11.64 -35.00 -30.02
N ARG B 28 12.92 -35.27 -30.23
CA ARG B 28 13.99 -34.51 -29.60
C ARG B 28 13.94 -33.04 -29.98
N PHE B 29 13.44 -32.78 -31.18
CA PHE B 29 13.37 -31.41 -31.71
C PHE B 29 12.24 -30.60 -31.11
N MET B 30 11.08 -31.21 -30.96
CA MET B 30 9.94 -30.51 -30.37
C MET B 30 10.27 -30.22 -28.91
N ASN B 31 10.82 -31.22 -28.23
CA ASN B 31 11.18 -31.05 -26.84
C ASN B 31 12.19 -29.92 -26.70
N MET B 32 12.90 -29.61 -27.78
CA MET B 32 13.88 -28.54 -27.73
C MET B 32 13.19 -27.18 -27.87
N GLN B 33 12.29 -27.08 -28.85
CA GLN B 33 11.58 -25.84 -29.09
C GLN B 33 10.80 -25.42 -27.85
N GLN B 34 10.39 -26.39 -27.06
CA GLN B 34 9.64 -26.12 -25.85
C GLN B 34 10.51 -25.67 -24.67
N ARG B 35 11.76 -26.10 -24.63
CA ARG B 35 12.68 -25.75 -23.53
C ARG B 35 13.29 -24.35 -23.60
N VAL B 36 13.23 -23.71 -24.77
CA VAL B 36 13.80 -22.38 -24.91
C VAL B 36 13.18 -21.53 -23.81
N ILE B 37 11.86 -21.35 -23.90
CA ILE B 37 11.11 -20.59 -22.91
C ILE B 37 10.01 -21.54 -22.43
N PRO B 38 10.20 -22.14 -21.25
CA PRO B 38 9.27 -23.09 -20.62
C PRO B 38 7.83 -23.05 -21.11
N ILE B 39 7.39 -24.18 -21.66
CA ILE B 39 6.03 -24.36 -22.17
C ILE B 39 5.85 -25.88 -22.29
N GLY B 40 4.61 -26.35 -22.18
CA GLY B 40 4.40 -27.79 -22.26
C GLY B 40 3.01 -28.19 -22.68
N SER B 41 2.80 -29.51 -22.79
CA SER B 41 1.52 -30.04 -23.21
C SER B 41 0.51 -30.00 -22.06
N PRO B 42 -0.78 -29.79 -22.37
CA PRO B 42 -1.82 -29.73 -21.35
C PRO B 42 -1.72 -30.86 -20.31
N SER B 43 -1.38 -32.06 -20.76
CA SER B 43 -1.26 -33.21 -19.87
C SER B 43 -0.20 -33.02 -18.79
N LEU B 44 0.53 -31.90 -18.85
CA LEU B 44 1.58 -31.61 -17.87
C LEU B 44 1.13 -30.57 -16.86
N THR B 45 -0.10 -30.08 -17.02
CA THR B 45 -0.67 -29.10 -16.11
C THR B 45 0.23 -27.89 -15.88
N THR B 46 0.50 -27.64 -14.61
CA THR B 46 1.30 -26.51 -14.18
C THR B 46 2.80 -26.82 -14.16
N GLY B 47 3.16 -28.04 -14.56
CA GLY B 47 4.56 -28.41 -14.59
C GLY B 47 5.45 -27.35 -15.20
N PRO B 48 5.23 -26.98 -16.47
CA PRO B 48 6.05 -25.96 -17.14
C PRO B 48 5.85 -24.58 -16.51
N GLY B 49 4.64 -24.29 -16.05
CA GLY B 49 4.33 -23.02 -15.41
C GLY B 49 5.24 -22.69 -14.25
N ASN B 50 5.68 -23.71 -13.51
CA ASN B 50 6.60 -23.50 -12.39
C ASN B 50 7.96 -23.16 -12.96
N ASP B 51 8.33 -23.84 -14.05
CA ASP B 51 9.60 -23.61 -14.71
C ASP B 51 9.68 -22.16 -15.17
N LEU B 52 8.66 -21.72 -15.91
CA LEU B 52 8.57 -20.37 -16.43
C LEU B 52 8.61 -19.33 -15.32
N GLN B 53 8.11 -19.72 -14.15
CA GLN B 53 8.09 -18.83 -13.01
C GLN B 53 9.55 -18.55 -12.59
N ASN B 54 10.34 -19.60 -12.49
CA ASN B 54 11.73 -19.53 -12.09
C ASN B 54 12.63 -18.83 -13.12
N THR B 55 12.15 -18.72 -14.35
CA THR B 55 12.92 -18.08 -15.43
C THR B 55 12.43 -16.69 -15.82
N ASP B 56 11.11 -16.53 -15.96
CA ASP B 56 10.53 -15.25 -16.35
C ASP B 56 9.66 -14.54 -15.31
N LEU B 57 8.46 -15.08 -15.11
CA LEU B 57 7.47 -14.51 -14.21
C LEU B 57 7.81 -13.95 -12.83
N ILE B 58 8.47 -14.70 -11.95
CA ILE B 58 8.77 -14.13 -10.62
C ILE B 58 10.18 -13.65 -10.42
N SER B 59 11.05 -13.88 -11.39
CA SER B 59 12.43 -13.42 -11.27
C SER B 59 12.70 -12.22 -12.17
N SER B 60 13.26 -12.46 -13.35
CA SER B 60 13.57 -11.38 -14.28
C SER B 60 12.40 -10.44 -14.51
N GLY B 61 11.23 -10.99 -14.83
CA GLY B 61 10.08 -10.15 -15.08
C GLY B 61 9.71 -9.31 -13.88
N ASN B 62 10.12 -9.77 -12.70
CA ASN B 62 9.84 -9.10 -11.44
C ASN B 62 10.85 -8.00 -11.12
N TYR B 63 12.09 -8.21 -11.55
CA TYR B 63 13.16 -7.25 -11.30
C TYR B 63 12.97 -5.99 -12.15
N ILE B 64 12.91 -6.18 -13.47
CA ILE B 64 12.74 -5.06 -14.38
C ILE B 64 11.35 -4.44 -14.30
N GLY B 65 10.46 -5.11 -13.57
CA GLY B 65 9.12 -4.57 -13.42
C GLY B 65 8.06 -4.88 -14.46
N TYR B 66 8.20 -5.99 -15.19
CA TYR B 66 7.18 -6.34 -16.18
C TYR B 66 6.01 -6.86 -15.35
N PHE B 67 6.37 -7.53 -14.25
CA PHE B 67 5.40 -8.13 -13.34
C PHE B 67 5.66 -7.71 -11.91
N GLY B 68 4.78 -8.17 -11.02
CA GLY B 68 4.89 -7.89 -9.61
C GLY B 68 4.34 -9.14 -8.93
N ASN B 69 5.03 -9.62 -7.90
CA ASN B 69 4.58 -10.83 -7.22
C ASN B 69 3.59 -10.59 -6.08
N ASN B 70 2.53 -11.40 -6.06
CA ASN B 70 1.54 -11.35 -5.00
C ASN B 70 1.89 -12.51 -4.07
N ASN B 71 3.04 -12.38 -3.44
CA ASN B 71 3.56 -13.37 -2.51
C ASN B 71 5.04 -13.08 -2.34
N ASN B 72 5.59 -13.43 -1.18
CA ASN B 72 7.02 -13.22 -0.92
C ASN B 72 7.70 -14.55 -0.59
N TRP B 73 6.94 -15.63 -0.69
CA TRP B 73 7.44 -16.97 -0.43
C TRP B 73 8.31 -17.06 0.79
N GLY B 74 7.95 -16.33 1.85
CA GLY B 74 8.75 -16.35 3.06
C GLY B 74 10.17 -15.90 2.82
N PHE B 75 10.37 -15.11 1.77
CA PHE B 75 11.70 -14.59 1.42
C PHE B 75 12.69 -15.73 1.18
N ASN B 76 12.20 -16.86 0.69
CA ASN B 76 13.06 -18.01 0.47
C ASN B 76 13.54 -18.33 -0.93
N ASN B 77 13.20 -17.50 -1.91
CA ASN B 77 13.67 -17.77 -3.27
C ASN B 77 14.07 -16.56 -4.09
N GLU B 78 14.39 -16.82 -5.35
CA GLU B 78 14.83 -15.79 -6.29
C GLU B 78 13.96 -14.54 -6.34
N ALA B 79 12.66 -14.67 -6.03
CA ALA B 79 11.76 -13.52 -6.07
C ALA B 79 12.28 -12.38 -5.19
N ASN B 80 12.73 -12.72 -3.98
CA ASN B 80 13.26 -11.73 -3.06
C ASN B 80 14.78 -11.74 -3.02
N TRP B 81 15.37 -12.06 -4.16
CA TRP B 81 16.82 -12.08 -4.32
C TRP B 81 17.56 -13.10 -3.46
N ASN B 82 16.84 -14.09 -2.95
CA ASN B 82 17.48 -15.12 -2.13
C ASN B 82 17.70 -16.35 -3.00
N PHE B 83 18.82 -16.38 -3.73
CA PHE B 83 19.14 -17.50 -4.61
C PHE B 83 19.69 -18.69 -3.84
N THR B 84 18.79 -19.47 -3.25
CA THR B 84 19.16 -20.65 -2.48
C THR B 84 19.70 -21.72 -3.40
N ASP B 85 20.31 -22.74 -2.80
CA ASP B 85 20.89 -23.82 -3.57
C ASP B 85 19.89 -24.44 -4.55
N SER B 86 18.83 -25.03 -4.00
CA SER B 86 17.83 -25.67 -4.84
C SER B 86 17.27 -24.75 -5.91
N ARG B 87 17.08 -23.48 -5.59
CA ARG B 87 16.53 -22.57 -6.60
C ARG B 87 17.48 -22.29 -7.75
N MET B 88 18.78 -22.43 -7.53
CA MET B 88 19.73 -22.20 -8.61
C MET B 88 19.97 -23.49 -9.39
N ASN B 89 19.89 -24.64 -8.71
CA ASN B 89 20.03 -25.92 -9.41
C ASN B 89 18.91 -25.95 -10.44
N TYR B 90 17.73 -25.53 -9.98
CA TYR B 90 16.51 -25.47 -10.77
C TYR B 90 16.74 -24.54 -11.95
N ALA B 91 17.20 -23.33 -11.66
CA ALA B 91 17.45 -22.35 -12.69
C ALA B 91 18.43 -22.88 -13.72
N TYR B 92 19.48 -23.57 -13.25
CA TYR B 92 20.47 -24.11 -14.16
C TYR B 92 19.85 -25.06 -15.19
N GLN B 93 18.79 -25.75 -14.79
CA GLN B 93 18.13 -26.69 -15.69
C GLN B 93 17.15 -26.03 -16.65
N ASN B 94 16.41 -25.05 -16.17
CA ASN B 94 15.44 -24.37 -17.01
C ASN B 94 16.09 -23.49 -18.08
N PHE B 95 17.37 -23.21 -17.88
CA PHE B 95 18.13 -22.36 -18.82
C PHE B 95 19.15 -23.12 -19.67
N TYR B 96 19.80 -24.12 -19.08
CA TYR B 96 20.85 -24.89 -19.77
C TYR B 96 20.60 -26.41 -19.80
N SER B 97 20.97 -27.08 -18.70
CA SER B 97 20.84 -28.51 -18.52
C SER B 97 19.72 -29.22 -19.25
N GLN B 98 18.49 -28.79 -19.03
CA GLN B 98 17.35 -29.42 -19.67
C GLN B 98 17.42 -29.50 -21.19
N ILE B 99 17.43 -28.34 -21.85
CA ILE B 99 17.47 -28.33 -23.31
C ILE B 99 18.71 -29.06 -23.86
N PHE B 100 19.71 -29.26 -23.00
CA PHE B 100 20.93 -29.96 -23.41
C PHE B 100 20.62 -31.41 -23.80
N LEU B 101 20.28 -32.23 -22.80
CA LEU B 101 19.95 -33.64 -23.01
C LEU B 101 19.37 -33.94 -24.39
N PRO B 102 18.38 -33.15 -24.85
CA PRO B 102 17.83 -33.45 -26.18
C PRO B 102 18.80 -33.09 -27.31
N TRP B 103 19.37 -31.90 -27.26
CA TRP B 103 20.31 -31.46 -28.29
C TRP B 103 21.50 -32.40 -28.37
N ASN B 104 22.02 -32.78 -27.20
CA ASN B 104 23.15 -33.68 -27.13
C ASN B 104 22.85 -34.95 -27.92
N GLU B 105 21.61 -35.44 -27.81
CA GLU B 105 21.20 -36.63 -28.53
C GLU B 105 21.14 -36.36 -30.03
N ILE B 106 20.49 -35.26 -30.42
CA ILE B 106 20.38 -34.89 -31.83
C ILE B 106 21.77 -34.75 -32.42
N TYR B 107 22.73 -34.40 -31.56
CA TYR B 107 24.12 -34.23 -31.97
C TYR B 107 24.82 -35.57 -32.21
N GLU B 108 24.95 -36.34 -31.15
CA GLU B 108 25.59 -37.66 -31.22
C GLU B 108 25.14 -38.39 -32.49
N ILE B 109 23.94 -38.08 -32.97
CA ILE B 109 23.39 -38.72 -34.16
C ILE B 109 23.84 -38.09 -35.49
N ALA B 110 23.42 -36.86 -35.75
CA ALA B 110 23.76 -36.17 -37.01
C ALA B 110 25.22 -35.73 -37.14
N LYS B 111 25.92 -35.59 -36.00
CA LYS B 111 27.31 -35.16 -35.97
C LYS B 111 28.10 -35.44 -37.26
N ASP B 112 28.44 -36.70 -37.48
CA ASP B 112 29.23 -37.11 -38.63
C ASP B 112 28.37 -37.70 -39.75
N SER B 113 27.64 -36.85 -40.48
CA SER B 113 26.78 -37.33 -41.55
C SER B 113 26.87 -36.50 -42.83
N ASP B 114 27.00 -37.18 -43.97
CA ASP B 114 27.12 -36.53 -45.28
C ASP B 114 25.77 -36.01 -45.77
N SER B 115 24.71 -36.60 -45.26
CA SER B 115 23.36 -36.21 -45.65
C SER B 115 23.15 -34.72 -45.39
N PRO B 116 22.83 -33.95 -46.45
CA PRO B 116 22.61 -32.52 -46.30
C PRO B 116 21.30 -32.21 -45.56
N SER B 117 20.33 -33.11 -45.66
CA SER B 117 19.06 -32.92 -44.98
C SER B 117 19.33 -32.94 -43.49
N GLU B 118 20.23 -33.81 -43.06
CA GLU B 118 20.60 -33.94 -41.66
C GLU B 118 21.64 -32.89 -41.26
N GLN B 119 22.24 -32.23 -42.25
CA GLN B 119 23.21 -31.17 -41.96
C GLN B 119 22.40 -29.97 -41.48
N ALA B 120 21.20 -29.83 -42.03
CA ALA B 120 20.29 -28.74 -41.66
C ALA B 120 19.74 -29.03 -40.26
N ILE B 121 19.11 -30.18 -40.10
CA ILE B 121 18.55 -30.58 -38.82
C ILE B 121 19.51 -30.25 -37.67
N LEU B 122 20.70 -30.84 -37.68
CA LEU B 122 21.63 -30.57 -36.58
C LEU B 122 22.04 -29.11 -36.53
N GLU B 123 21.92 -28.40 -37.65
CA GLU B 123 22.26 -26.98 -37.71
C GLU B 123 21.16 -26.14 -37.07
N ILE B 124 19.91 -26.44 -37.42
CA ILE B 124 18.76 -25.73 -36.87
C ILE B 124 18.64 -26.01 -35.38
N ALA B 125 18.94 -27.25 -34.99
CA ALA B 125 18.88 -27.68 -33.60
C ALA B 125 19.96 -26.93 -32.81
N ASN B 126 20.84 -26.25 -33.53
CA ASN B 126 21.89 -25.48 -32.88
C ASN B 126 21.37 -24.07 -32.62
N ILE B 127 20.60 -23.54 -33.57
CA ILE B 127 20.03 -22.20 -33.41
C ILE B 127 19.12 -22.17 -32.19
N VAL B 128 18.23 -23.16 -32.11
CA VAL B 128 17.30 -23.30 -31.00
C VAL B 128 18.10 -23.44 -29.72
N ARG B 129 19.10 -24.32 -29.77
CA ARG B 129 19.97 -24.59 -28.63
C ARG B 129 20.75 -23.34 -28.22
N ASN B 130 20.96 -22.42 -29.15
CA ASN B 130 21.69 -21.19 -28.86
C ASN B 130 20.79 -20.07 -28.34
N ILE B 131 19.55 -20.05 -28.82
CA ILE B 131 18.59 -19.05 -28.38
C ILE B 131 18.33 -19.33 -26.91
N ALA B 132 18.39 -20.60 -26.54
CA ALA B 132 18.17 -21.03 -25.17
C ALA B 132 19.44 -20.87 -24.33
N TRP B 133 20.61 -21.18 -24.89
CA TRP B 133 21.85 -21.04 -24.13
C TRP B 133 22.38 -19.61 -24.09
N LEU B 134 21.71 -18.71 -24.81
CA LEU B 134 22.09 -17.30 -24.79
C LEU B 134 21.49 -16.73 -23.51
N ARG B 135 20.29 -17.21 -23.18
CA ARG B 135 19.60 -16.79 -21.97
C ARG B 135 20.48 -17.24 -20.81
N ALA B 136 21.02 -18.44 -20.91
CA ALA B 136 21.87 -18.96 -19.85
C ALA B 136 23.06 -18.05 -19.55
N THR B 137 23.79 -17.65 -20.60
CA THR B 137 24.95 -16.78 -20.41
C THR B 137 24.54 -15.38 -19.94
N ASP B 138 23.35 -14.92 -20.33
CA ASP B 138 22.88 -13.61 -19.91
C ASP B 138 22.31 -13.66 -18.49
N VAL B 139 22.28 -14.85 -17.89
CA VAL B 139 21.78 -15.01 -16.53
C VAL B 139 22.93 -15.32 -15.56
N PHE B 140 23.60 -16.43 -15.80
CA PHE B 140 24.74 -16.87 -14.99
C PHE B 140 26.05 -16.26 -15.48
N GLY B 141 26.11 -16.00 -16.79
CA GLY B 141 27.30 -15.44 -17.41
C GLY B 141 28.11 -16.54 -18.09
N PRO B 142 29.09 -17.13 -17.38
CA PRO B 142 29.94 -18.20 -17.90
C PRO B 142 29.25 -19.56 -17.88
N ILE B 143 29.09 -20.16 -19.05
CA ILE B 143 28.46 -21.48 -19.18
C ILE B 143 29.36 -22.38 -20.03
N ALA B 144 29.23 -23.70 -19.84
CA ALA B 144 30.04 -24.63 -20.63
C ALA B 144 29.48 -24.66 -22.06
N TYR B 145 29.91 -23.70 -22.88
CA TYR B 145 29.42 -23.62 -24.25
C TYR B 145 30.20 -24.45 -25.26
N ASN B 146 31.52 -24.37 -25.20
CA ASN B 146 32.35 -25.13 -26.12
C ASN B 146 32.48 -26.59 -25.71
N SER B 147 32.69 -26.85 -24.43
CA SER B 147 32.83 -28.24 -23.96
C SER B 147 31.51 -28.99 -24.08
N ALA B 148 30.53 -28.37 -24.72
CA ALA B 148 29.20 -28.96 -24.90
C ALA B 148 29.19 -30.25 -25.71
N GLY B 149 28.85 -31.36 -25.05
CA GLY B 149 28.77 -32.64 -25.73
C GLY B 149 30.09 -33.40 -25.81
N ASP B 150 31.06 -32.99 -25.00
CA ASP B 150 32.38 -33.63 -25.00
C ASP B 150 32.40 -34.94 -24.21
N GLY B 151 31.23 -35.41 -23.79
CA GLY B 151 31.15 -36.65 -23.05
C GLY B 151 31.85 -36.67 -21.69
N SER B 152 32.80 -35.76 -21.51
CA SER B 152 33.56 -35.67 -20.26
C SER B 152 32.64 -35.66 -19.04
N ILE B 153 32.99 -36.43 -18.01
CA ILE B 153 32.18 -36.48 -16.80
C ILE B 153 31.98 -35.08 -16.22
N ALA B 154 32.99 -34.22 -16.36
CA ALA B 154 32.91 -32.86 -15.83
C ALA B 154 33.41 -31.83 -16.84
N PRO B 155 32.47 -31.15 -17.54
CA PRO B 155 32.78 -30.11 -18.55
C PRO B 155 33.51 -28.87 -18.04
N LYS B 156 34.11 -28.14 -18.99
CA LYS B 156 34.87 -26.93 -18.69
C LYS B 156 34.03 -25.70 -19.08
N PHE B 157 34.03 -24.68 -18.22
CA PHE B 157 33.26 -23.47 -18.49
C PHE B 157 33.99 -22.37 -19.25
N ASP B 158 33.29 -21.77 -20.20
CA ASP B 158 33.84 -20.70 -21.03
C ASP B 158 33.45 -19.33 -20.45
N SER B 159 34.44 -18.49 -20.14
CA SER B 159 34.12 -17.16 -19.61
C SER B 159 33.10 -16.56 -20.57
N GLN B 160 32.27 -15.63 -20.09
CA GLN B 160 31.26 -15.03 -20.95
C GLN B 160 31.78 -14.53 -22.29
N GLU B 161 33.01 -14.03 -22.31
CA GLU B 161 33.60 -13.54 -23.55
C GLU B 161 33.72 -14.71 -24.53
N VAL B 162 34.34 -15.78 -24.06
CA VAL B 162 34.52 -16.98 -24.88
C VAL B 162 33.18 -17.43 -25.45
N VAL B 163 32.22 -17.67 -24.56
CA VAL B 163 30.87 -18.10 -24.93
C VAL B 163 30.27 -17.25 -26.04
N TYR B 164 30.39 -15.93 -25.90
CA TYR B 164 29.84 -15.02 -26.88
C TYR B 164 30.44 -15.20 -28.27
N ARG B 165 31.75 -15.00 -28.37
CA ARG B 165 32.45 -15.16 -29.65
C ARG B 165 32.09 -16.49 -30.34
N SER B 166 32.32 -17.57 -29.61
CA SER B 166 32.04 -18.90 -30.12
C SER B 166 30.65 -18.96 -30.75
N MET B 167 29.66 -18.40 -30.05
CA MET B 167 28.29 -18.42 -30.55
C MET B 167 28.10 -17.70 -31.88
N LEU B 168 28.68 -16.51 -32.01
CA LEU B 168 28.57 -15.75 -33.24
C LEU B 168 29.08 -16.59 -34.42
N ALA B 169 30.19 -17.28 -34.20
CA ALA B 169 30.79 -18.12 -35.22
C ALA B 169 29.79 -19.17 -35.67
N ASP B 170 29.27 -19.91 -34.68
CA ASP B 170 28.29 -20.98 -34.90
C ASP B 170 27.05 -20.48 -35.65
N LEU B 171 26.58 -19.29 -35.30
CA LEU B 171 25.41 -18.71 -35.97
C LEU B 171 25.74 -18.46 -37.44
N SER B 172 26.90 -17.85 -37.68
CA SER B 172 27.34 -17.55 -39.04
C SER B 172 27.39 -18.87 -39.82
N LYS B 173 28.10 -19.84 -39.24
CA LYS B 173 28.25 -21.16 -39.82
C LYS B 173 26.90 -21.78 -40.18
N SER B 174 25.97 -21.73 -39.24
CA SER B 174 24.64 -22.28 -39.46
C SER B 174 23.90 -21.54 -40.57
N VAL B 175 24.16 -20.25 -40.69
CA VAL B 175 23.52 -19.43 -41.71
C VAL B 175 23.96 -19.91 -43.09
N GLU B 176 25.23 -20.26 -43.19
CA GLU B 176 25.83 -20.72 -44.45
C GLU B 176 25.21 -22.02 -44.95
N LEU B 177 25.41 -23.09 -44.19
CA LEU B 177 24.88 -24.40 -44.56
C LEU B 177 23.39 -24.33 -44.88
N LEU B 178 22.67 -23.46 -44.16
CA LEU B 178 21.23 -23.33 -44.35
C LEU B 178 20.78 -22.49 -45.55
N ASN B 179 21.65 -21.62 -46.05
CA ASN B 179 21.30 -20.82 -47.22
C ASN B 179 21.44 -21.73 -48.45
N THR B 180 22.13 -22.85 -48.25
CA THR B 180 22.34 -23.82 -49.33
C THR B 180 21.07 -24.64 -49.56
N ILE B 181 20.44 -25.08 -48.47
CA ILE B 181 19.21 -25.86 -48.55
C ILE B 181 18.10 -25.06 -49.23
N SER B 182 17.01 -25.74 -49.62
CA SER B 182 15.91 -25.05 -50.30
C SER B 182 14.56 -25.79 -50.19
N TYR B 183 14.55 -26.90 -49.47
CA TYR B 183 13.32 -27.66 -49.27
C TYR B 183 12.92 -27.64 -47.80
N SER B 184 11.62 -27.85 -47.55
CA SER B 184 11.09 -27.86 -46.21
C SER B 184 11.71 -29.00 -45.38
N VAL B 185 12.16 -28.67 -44.18
CA VAL B 185 12.76 -29.65 -43.28
C VAL B 185 11.85 -29.92 -42.07
N MET B 186 11.62 -31.19 -41.76
CA MET B 186 10.77 -31.62 -40.65
C MET B 186 9.63 -30.67 -40.28
N ALA B 187 8.87 -30.22 -41.27
CA ALA B 187 7.76 -29.30 -41.01
C ALA B 187 6.75 -29.87 -40.01
N GLN B 188 6.66 -31.20 -39.96
CA GLN B 188 5.73 -31.88 -39.06
C GLN B 188 6.21 -31.75 -37.61
N TYR B 189 7.49 -31.46 -37.43
CA TYR B 189 8.06 -31.33 -36.10
C TYR B 189 8.49 -29.91 -35.77
N ASP B 190 8.31 -28.99 -36.73
CA ASP B 190 8.68 -27.61 -36.52
C ASP B 190 7.48 -26.80 -36.05
N LEU B 191 7.53 -26.34 -34.81
CA LEU B 191 6.45 -25.55 -34.23
C LEU B 191 6.61 -24.06 -34.48
N ILE B 192 7.84 -23.61 -34.73
CA ILE B 192 8.10 -22.20 -34.95
C ILE B 192 7.92 -21.69 -36.39
N TYR B 193 8.54 -22.37 -37.35
CA TYR B 193 8.48 -21.95 -38.75
C TYR B 193 7.93 -22.94 -39.77
N ASN B 194 7.26 -23.98 -39.29
CA ASN B 194 6.68 -24.96 -40.19
C ASN B 194 7.59 -25.43 -41.34
N GLY B 195 8.76 -25.96 -41.01
CA GLY B 195 9.69 -26.45 -42.02
C GLY B 195 10.38 -25.41 -42.89
N ASN B 196 9.75 -24.26 -43.06
CA ASN B 196 10.31 -23.19 -43.87
C ASN B 196 11.69 -22.81 -43.35
N VAL B 197 12.72 -23.32 -44.01
CA VAL B 197 14.10 -23.06 -43.62
C VAL B 197 14.51 -21.60 -43.82
N GLN B 198 13.89 -20.92 -44.78
CA GLN B 198 14.22 -19.53 -45.04
C GLN B 198 14.04 -18.70 -43.77
N ASN B 199 12.89 -18.82 -43.15
CA ASN B 199 12.60 -18.11 -41.92
C ASN B 199 13.70 -18.41 -40.91
N TRP B 200 14.05 -19.69 -40.77
CA TRP B 200 15.10 -20.08 -39.84
C TRP B 200 16.40 -19.31 -40.10
N VAL B 201 16.63 -18.92 -41.34
CA VAL B 201 17.85 -18.20 -41.70
C VAL B 201 17.80 -16.79 -41.10
N LYS B 202 16.67 -16.12 -41.31
CA LYS B 202 16.48 -14.77 -40.78
C LYS B 202 16.67 -14.74 -39.27
N LEU B 203 16.10 -15.74 -38.58
CA LEU B 203 16.22 -15.81 -37.12
C LEU B 203 17.67 -16.02 -36.73
N ALA B 204 18.37 -16.83 -37.50
CA ALA B 204 19.79 -17.09 -37.22
C ALA B 204 20.57 -15.78 -37.29
N ASN B 205 20.15 -14.89 -38.18
CA ASN B 205 20.80 -13.60 -38.34
C ASN B 205 20.20 -12.57 -37.37
N SER B 206 18.88 -12.60 -37.22
CA SER B 206 18.19 -11.67 -36.32
C SER B 206 18.75 -11.80 -34.91
N LEU B 207 19.14 -13.02 -34.54
CA LEU B 207 19.70 -13.30 -33.23
C LEU B 207 21.16 -12.83 -33.21
N MET B 208 21.80 -13.02 -34.35
CA MET B 208 23.19 -12.64 -34.56
C MET B 208 23.27 -11.14 -34.28
N LEU B 209 22.32 -10.41 -34.85
CA LEU B 209 22.22 -8.96 -34.69
C LEU B 209 22.15 -8.58 -33.22
N ARG B 210 21.25 -9.21 -32.48
CA ARG B 210 21.07 -8.94 -31.06
C ARG B 210 22.44 -9.03 -30.38
N ILE B 211 23.04 -10.22 -30.43
CA ILE B 211 24.34 -10.45 -29.83
C ILE B 211 25.31 -9.33 -30.18
N VAL B 212 25.25 -8.89 -31.43
CA VAL B 212 26.09 -7.81 -31.92
C VAL B 212 25.98 -6.59 -31.01
N VAL B 213 24.83 -5.95 -31.05
CA VAL B 213 24.56 -4.77 -30.25
C VAL B 213 24.92 -5.02 -28.77
N ARG B 214 24.66 -6.22 -28.28
CA ARG B 214 24.96 -6.57 -26.89
C ARG B 214 26.42 -6.34 -26.54
N VAL B 215 27.29 -6.38 -27.55
CA VAL B 215 28.71 -6.21 -27.28
C VAL B 215 29.38 -4.91 -27.76
N HIS B 216 28.64 -4.04 -28.46
CA HIS B 216 29.23 -2.80 -28.97
C HIS B 216 29.77 -1.82 -27.92
N PHE B 217 29.78 -2.21 -26.66
CA PHE B 217 30.30 -1.35 -25.60
C PHE B 217 31.57 -1.93 -24.97
N ILE B 218 31.84 -3.20 -25.28
CA ILE B 218 33.04 -3.88 -24.78
C ILE B 218 33.89 -4.35 -25.97
N ASP B 219 33.40 -4.10 -27.18
CA ASP B 219 34.13 -4.50 -28.39
C ASP B 219 33.36 -4.11 -29.66
N GLU B 220 33.67 -2.95 -30.24
CA GLU B 220 32.98 -2.49 -31.45
C GLU B 220 33.46 -3.24 -32.69
N THR B 221 34.65 -3.81 -32.60
CA THR B 221 35.24 -4.55 -33.72
C THR B 221 34.35 -5.77 -34.01
N LEU B 222 34.42 -6.73 -33.08
CA LEU B 222 33.63 -7.96 -33.17
C LEU B 222 32.19 -7.63 -33.54
N ALA B 223 31.67 -6.57 -32.96
CA ALA B 223 30.30 -6.15 -33.24
C ALA B 223 30.10 -5.75 -34.70
N LYS B 224 30.87 -4.76 -35.15
CA LYS B 224 30.78 -4.27 -36.53
C LYS B 224 31.12 -5.42 -37.50
N GLU B 225 31.66 -6.50 -36.94
CA GLU B 225 32.05 -7.71 -37.68
C GLU B 225 30.84 -8.48 -38.20
N TYR B 226 30.23 -9.28 -37.32
CA TYR B 226 29.07 -10.10 -37.70
C TYR B 226 27.78 -9.32 -37.96
N ILE B 227 27.76 -8.06 -37.55
CA ILE B 227 26.57 -7.22 -37.73
C ILE B 227 26.22 -7.04 -39.22
N THR B 228 27.23 -6.75 -40.04
CA THR B 228 27.00 -6.56 -41.47
C THR B 228 26.60 -7.91 -42.05
N LYS B 229 27.31 -8.95 -41.65
CA LYS B 229 27.02 -10.30 -42.15
C LYS B 229 25.52 -10.57 -41.98
N ALA B 230 25.03 -10.36 -40.76
CA ALA B 230 23.63 -10.58 -40.42
C ALA B 230 22.70 -9.80 -41.35
N LEU B 231 22.88 -8.48 -41.36
CA LEU B 231 22.07 -7.59 -42.19
C LEU B 231 22.28 -7.77 -43.69
N ASP B 232 23.49 -8.15 -44.09
CA ASP B 232 23.81 -8.34 -45.49
C ASP B 232 22.72 -9.17 -46.18
N PRO B 233 22.00 -8.57 -47.14
CA PRO B 233 20.93 -9.21 -47.89
C PRO B 233 21.22 -10.62 -48.43
N LYS B 234 22.41 -10.82 -49.00
CA LYS B 234 22.75 -12.13 -49.53
C LYS B 234 22.52 -13.20 -48.46
N ASN B 235 22.98 -12.91 -47.24
CA ASN B 235 22.86 -13.81 -46.09
C ASN B 235 21.44 -13.94 -45.56
N GLY B 236 20.46 -14.08 -46.45
CA GLY B 236 19.08 -14.21 -46.01
C GLY B 236 18.47 -12.96 -45.41
N GLY B 237 19.17 -12.36 -44.44
CA GLY B 237 18.66 -11.15 -43.80
C GLY B 237 18.18 -11.39 -42.37
N VAL B 238 17.29 -10.52 -41.90
CA VAL B 238 16.74 -10.62 -40.55
C VAL B 238 15.24 -10.35 -40.54
N ILE B 239 14.59 -10.76 -39.46
CA ILE B 239 13.15 -10.57 -39.33
C ILE B 239 12.80 -9.09 -39.33
N GLU B 240 11.90 -8.69 -40.23
CA GLU B 240 11.48 -7.30 -40.32
C GLU B 240 9.96 -7.29 -40.44
N ASP B 241 9.42 -8.42 -40.87
CA ASP B 241 7.99 -8.56 -41.05
C ASP B 241 7.42 -9.28 -39.83
N ILE B 242 6.19 -8.93 -39.45
CA ILE B 242 5.55 -9.57 -38.31
C ILE B 242 5.31 -11.02 -38.66
N SER B 243 4.97 -11.28 -39.93
CA SER B 243 4.72 -12.63 -40.40
C SER B 243 5.98 -13.50 -40.37
N SER B 244 7.12 -12.89 -40.06
CA SER B 244 8.40 -13.61 -40.00
C SER B 244 8.98 -13.68 -38.58
N GLU B 245 8.18 -13.30 -37.58
CA GLU B 245 8.62 -13.32 -36.19
C GLU B 245 8.78 -14.76 -35.71
N ALA B 246 9.43 -14.94 -34.57
CA ALA B 246 9.65 -16.26 -34.01
C ALA B 246 8.89 -16.47 -32.70
N LYS B 247 7.72 -17.11 -32.79
CA LYS B 247 6.90 -17.37 -31.61
C LYS B 247 6.51 -18.84 -31.56
N ILE B 248 6.03 -19.29 -30.41
CA ILE B 248 5.61 -20.68 -30.24
C ILE B 248 4.26 -20.74 -29.54
N LYS B 249 3.39 -21.65 -29.96
CA LYS B 249 2.06 -21.78 -29.34
C LYS B 249 1.34 -23.07 -29.70
N SER B 250 0.31 -23.38 -28.93
CA SER B 250 -0.48 -24.58 -29.16
C SER B 250 -0.88 -24.68 -30.62
N SER B 251 -0.97 -25.92 -31.11
CA SER B 251 -1.35 -26.20 -32.49
C SER B 251 -1.69 -27.68 -32.62
N ASP B 252 -2.34 -28.05 -33.72
CA ASP B 252 -2.70 -29.44 -33.96
C ASP B 252 -1.44 -30.28 -33.89
N LYS B 253 -0.32 -29.69 -34.28
CA LYS B 253 0.95 -30.39 -34.28
C LYS B 253 1.35 -30.78 -32.87
N MET B 254 1.35 -29.80 -31.97
CA MET B 254 1.70 -30.03 -30.57
C MET B 254 0.82 -29.16 -29.68
N PRO B 255 -0.30 -29.71 -29.17
CA PRO B 255 -1.18 -28.93 -28.30
C PRO B 255 -0.43 -28.40 -27.08
N LEU B 256 -0.42 -27.08 -26.91
CA LEU B 256 0.27 -26.47 -25.78
C LEU B 256 -0.67 -25.68 -24.87
N LEU B 257 -0.26 -25.54 -23.62
CA LEU B 257 -1.02 -24.79 -22.63
C LEU B 257 -0.08 -23.72 -22.12
N ASN B 258 -0.17 -22.53 -22.70
CA ASN B 258 0.67 -21.42 -22.31
C ASN B 258 1.00 -21.45 -20.82
N SER B 259 2.27 -21.51 -20.48
CA SER B 259 2.68 -21.61 -19.08
C SER B 259 2.54 -20.34 -18.21
N MET B 260 1.91 -19.30 -18.74
CA MET B 260 1.72 -18.09 -17.96
C MET B 260 0.45 -18.17 -17.11
N LEU B 261 -0.51 -18.98 -17.55
CA LEU B 261 -1.77 -19.13 -16.84
C LEU B 261 -1.61 -19.70 -15.42
N ALA B 262 -0.62 -20.57 -15.25
CA ALA B 262 -0.40 -21.19 -13.94
C ALA B 262 -0.28 -20.12 -12.86
N SER B 263 0.76 -19.29 -12.99
CA SER B 263 1.03 -18.26 -12.02
C SER B 263 0.03 -17.11 -12.02
N VAL B 264 -0.56 -16.81 -13.17
CA VAL B 264 -1.52 -15.70 -13.26
C VAL B 264 -2.89 -16.03 -12.68
N ASN B 265 -3.51 -17.12 -13.14
CA ASN B 265 -4.83 -17.47 -12.66
C ASN B 265 -4.92 -18.60 -11.65
N GLU B 266 -4.02 -19.57 -11.71
CA GLU B 266 -4.06 -20.70 -10.78
C GLU B 266 -3.55 -20.32 -9.39
N TYR B 267 -2.34 -19.77 -9.32
CA TYR B 267 -1.76 -19.39 -8.03
C TYR B 267 -2.03 -17.93 -7.69
N ASN B 268 -2.59 -17.17 -8.63
CA ASN B 268 -2.85 -15.76 -8.40
C ASN B 268 -1.62 -15.06 -7.82
N GLU B 269 -0.44 -15.39 -8.34
CA GLU B 269 0.79 -14.78 -7.85
C GLU B 269 1.42 -13.75 -8.77
N THR B 270 1.18 -13.87 -10.09
CA THR B 270 1.76 -12.94 -11.06
C THR B 270 0.81 -11.83 -11.49
N ARG B 271 1.20 -10.59 -11.21
CA ARG B 271 0.38 -9.45 -11.55
C ARG B 271 1.17 -8.38 -12.32
N MET B 272 0.45 -7.41 -12.89
CA MET B 272 1.06 -6.32 -13.64
C MET B 272 2.13 -5.61 -12.80
N GLY B 273 3.30 -5.41 -13.39
CA GLY B 273 4.40 -4.76 -12.69
C GLY B 273 4.25 -3.25 -12.59
N ALA B 274 4.90 -2.65 -11.60
CA ALA B 274 4.80 -1.20 -11.41
C ALA B 274 5.61 -0.41 -12.42
N THR B 275 6.82 -0.87 -12.72
CA THR B 275 7.66 -0.16 -13.68
C THR B 275 6.95 -0.05 -15.03
N ILE B 276 6.70 -1.18 -15.68
CA ILE B 276 6.04 -1.17 -16.99
C ILE B 276 4.78 -0.34 -17.00
N TRP B 277 4.12 -0.25 -15.84
CA TRP B 277 2.91 0.53 -15.72
C TRP B 277 3.23 2.02 -15.73
N GLY B 278 4.30 2.40 -15.06
CA GLY B 278 4.70 3.79 -15.01
C GLY B 278 4.83 4.38 -16.40
N TYR B 279 5.60 3.70 -17.25
CA TYR B 279 5.81 4.14 -18.61
C TYR B 279 4.51 4.06 -19.41
N LEU B 280 3.83 2.93 -19.34
CA LEU B 280 2.58 2.75 -20.06
C LEU B 280 1.55 3.84 -19.76
N ASP B 281 1.37 4.17 -18.49
CA ASP B 281 0.41 5.20 -18.09
C ASP B 281 0.90 6.63 -18.32
N GLY B 282 2.20 6.86 -18.12
CA GLY B 282 2.75 8.19 -18.30
C GLY B 282 2.86 8.62 -19.75
N TYR B 283 3.05 7.65 -20.65
CA TYR B 283 3.17 7.90 -22.07
C TYR B 283 1.79 7.78 -22.73
N LYS B 284 0.75 7.68 -21.92
CA LYS B 284 -0.60 7.49 -22.42
C LYS B 284 -0.60 6.46 -23.54
N ASP B 285 0.28 5.47 -23.37
CA ASP B 285 0.47 4.36 -24.29
C ASP B 285 -0.84 3.59 -24.45
N PRO B 286 -1.19 3.18 -25.69
CA PRO B 286 -2.43 2.43 -25.91
C PRO B 286 -2.25 0.92 -25.79
N ARG B 287 -1.05 0.51 -25.38
CA ARG B 287 -0.73 -0.91 -25.21
C ARG B 287 -1.04 -1.37 -23.78
N LEU B 288 -1.24 -0.40 -22.88
CA LEU B 288 -1.59 -0.71 -21.50
C LEU B 288 -2.81 -1.62 -21.50
N SER B 289 -3.86 -1.19 -22.21
CA SER B 289 -5.09 -1.97 -22.28
C SER B 289 -4.86 -3.28 -23.08
N ALA B 290 -3.82 -3.29 -23.90
CA ALA B 290 -3.50 -4.47 -24.69
C ALA B 290 -2.77 -5.51 -23.81
N TYR B 291 -1.71 -5.07 -23.15
CA TYR B 291 -0.91 -5.93 -22.27
C TYR B 291 -1.57 -6.38 -20.97
N PHE B 292 -2.39 -5.52 -20.38
CA PHE B 292 -3.04 -5.88 -19.12
C PHE B 292 -4.55 -5.74 -19.05
N THR B 293 -5.09 -6.00 -17.86
CA THR B 293 -6.53 -5.90 -17.62
C THR B 293 -6.69 -4.91 -16.49
N GLU B 294 -7.91 -4.44 -16.28
CA GLU B 294 -8.17 -3.51 -15.18
C GLU B 294 -8.48 -4.30 -13.91
N GLY B 295 -7.84 -3.92 -12.81
CA GLY B 295 -8.09 -4.61 -11.56
C GLY B 295 -9.25 -4.02 -10.78
N THR B 296 -9.48 -4.58 -9.60
CA THR B 296 -10.55 -4.11 -8.75
C THR B 296 -10.03 -4.01 -7.32
N TYR B 297 -10.41 -2.92 -6.67
CA TYR B 297 -10.02 -2.64 -5.29
C TYR B 297 -11.29 -2.29 -4.52
N GLY B 298 -11.62 -3.11 -3.53
CA GLY B 298 -12.83 -2.87 -2.76
C GLY B 298 -13.88 -3.85 -3.21
N SER B 299 -15.16 -3.52 -3.02
CA SER B 299 -16.24 -4.41 -3.43
C SER B 299 -17.58 -3.70 -3.38
N GLY B 300 -18.56 -4.29 -4.06
CA GLY B 300 -19.88 -3.70 -4.09
C GLY B 300 -19.88 -2.26 -4.54
N SER B 301 -20.48 -1.39 -3.74
CA SER B 301 -20.57 0.03 -4.05
C SER B 301 -19.23 0.78 -4.05
N TRP B 302 -18.51 0.73 -2.93
CA TRP B 302 -17.24 1.44 -2.85
C TRP B 302 -16.08 0.78 -3.59
N ALA B 303 -16.40 -0.07 -4.57
CA ALA B 303 -15.37 -0.76 -5.36
C ALA B 303 -14.75 0.18 -6.39
N GLN B 304 -13.44 0.05 -6.61
CA GLN B 304 -12.73 0.90 -7.57
C GLN B 304 -12.04 0.13 -8.69
N THR B 305 -12.31 0.52 -9.93
CA THR B 305 -11.72 -0.15 -11.09
C THR B 305 -10.61 0.70 -11.73
N GLY B 306 -9.52 0.05 -12.11
CA GLY B 306 -8.41 0.75 -12.74
C GLY B 306 -7.19 -0.11 -12.96
N TYR B 307 -6.08 0.51 -13.36
CA TYR B 307 -4.86 -0.24 -13.61
C TYR B 307 -3.98 -0.23 -12.35
N PHE B 308 -4.14 -1.25 -11.52
CA PHE B 308 -3.39 -1.36 -10.27
C PHE B 308 -2.17 -2.26 -10.38
N PRO B 309 -0.98 -1.71 -10.13
CA PRO B 309 0.30 -2.43 -10.19
C PRO B 309 0.81 -2.99 -8.86
N VAL B 310 1.77 -3.91 -8.94
CA VAL B 310 2.38 -4.52 -7.76
C VAL B 310 3.89 -4.21 -7.75
N ALA B 311 4.37 -3.62 -6.66
CA ALA B 311 5.78 -3.25 -6.53
C ALA B 311 6.76 -4.36 -6.88
N PRO B 312 7.93 -3.97 -7.43
CA PRO B 312 8.94 -4.96 -7.80
C PRO B 312 9.60 -5.52 -6.54
N THR B 313 9.86 -6.82 -6.54
CA THR B 313 10.47 -7.47 -5.39
C THR B 313 9.61 -7.11 -4.17
N ASN B 314 8.36 -7.57 -4.21
CA ASN B 314 7.36 -7.36 -3.17
C ASN B 314 7.77 -8.00 -1.84
N SER B 315 7.42 -7.34 -0.74
CA SER B 315 7.76 -7.83 0.60
C SER B 315 6.61 -8.44 1.38
N LYS B 316 5.38 -8.25 0.91
CA LYS B 316 4.20 -8.77 1.60
C LYS B 316 3.84 -10.21 1.25
N SER B 317 3.18 -10.88 2.19
CA SER B 317 2.74 -12.24 1.97
C SER B 317 1.50 -12.22 1.09
N LYS B 318 1.31 -13.28 0.32
CA LYS B 318 0.17 -13.41 -0.59
C LYS B 318 -1.15 -13.20 0.15
N SER B 319 -2.09 -12.51 -0.49
CA SER B 319 -3.39 -12.25 0.12
C SER B 319 -4.45 -12.32 -0.96
N GLU B 320 -5.67 -12.71 -0.58
CA GLU B 320 -6.73 -12.82 -1.56
C GLU B 320 -8.04 -12.10 -1.21
N THR B 321 -7.95 -11.10 -0.33
CA THR B 321 -9.13 -10.34 0.06
C THR B 321 -9.48 -9.35 -1.05
N SER B 322 -10.66 -8.74 -0.96
CA SER B 322 -11.10 -7.78 -1.97
C SER B 322 -10.17 -6.57 -2.14
N TYR B 323 -9.33 -6.30 -1.15
CA TYR B 323 -8.40 -5.17 -1.24
C TYR B 323 -6.98 -5.62 -1.53
N SER B 324 -6.79 -6.87 -1.96
CA SER B 324 -5.45 -7.38 -2.19
C SER B 324 -4.99 -7.45 -3.64
N ALA B 325 -3.70 -7.78 -3.79
CA ALA B 325 -3.06 -7.91 -5.11
C ALA B 325 -3.74 -8.97 -5.98
N LYS B 326 -4.41 -9.94 -5.35
CA LYS B 326 -5.10 -10.97 -6.12
C LYS B 326 -6.02 -10.32 -7.15
N PHE B 327 -6.41 -9.08 -6.90
CA PHE B 327 -7.30 -8.39 -7.81
C PHE B 327 -6.67 -7.19 -8.51
N ALA B 328 -5.34 -7.12 -8.45
CA ALA B 328 -4.62 -6.06 -9.13
C ALA B 328 -4.60 -6.43 -10.63
N SER B 329 -4.25 -5.50 -11.50
CA SER B 329 -4.22 -5.76 -12.93
C SER B 329 -3.46 -7.03 -13.26
N ARG B 330 -4.04 -7.85 -14.14
CA ARG B 330 -3.40 -9.10 -14.55
C ARG B 330 -3.01 -9.01 -16.02
N PRO B 331 -1.97 -9.74 -16.42
CA PRO B 331 -1.56 -9.69 -17.82
C PRO B 331 -2.54 -10.55 -18.63
N LYS B 332 -3.15 -9.97 -19.65
CA LYS B 332 -4.11 -10.71 -20.48
C LYS B 332 -3.44 -11.91 -21.12
N VAL B 333 -3.95 -13.10 -20.85
CA VAL B 333 -3.36 -14.32 -21.42
C VAL B 333 -4.31 -15.51 -21.33
N ASP B 334 -4.08 -16.50 -22.18
CA ASP B 334 -4.88 -17.72 -22.23
C ASP B 334 -4.05 -18.90 -22.75
N SER B 335 -4.63 -20.10 -22.71
CA SER B 335 -3.93 -21.32 -23.14
C SER B 335 -3.44 -21.34 -24.59
N ASN B 336 -3.89 -20.38 -25.40
CA ASN B 336 -3.51 -20.28 -26.80
C ASN B 336 -2.42 -19.25 -27.02
N SER B 337 -2.34 -18.28 -26.11
CA SER B 337 -1.34 -17.23 -26.19
C SER B 337 0.04 -17.81 -26.49
N PRO B 338 0.83 -17.10 -27.31
CA PRO B 338 2.18 -17.57 -27.64
C PRO B 338 3.30 -16.98 -26.78
N LEU B 339 4.45 -17.62 -26.83
CA LEU B 339 5.63 -17.15 -26.12
C LEU B 339 6.55 -16.72 -27.27
N TYR B 340 7.02 -15.48 -27.20
CA TYR B 340 7.86 -14.93 -28.24
C TYR B 340 9.35 -15.04 -27.94
N TRP B 341 10.11 -15.56 -28.90
CA TRP B 341 11.57 -15.67 -28.75
C TRP B 341 12.18 -14.41 -29.34
N PHE B 342 11.69 -14.03 -30.52
CA PHE B 342 12.15 -12.84 -31.22
C PHE B 342 11.05 -12.33 -32.16
N ARG B 343 10.73 -11.03 -32.06
CA ARG B 343 9.69 -10.43 -32.90
C ARG B 343 10.26 -9.32 -33.80
N ALA B 344 9.51 -9.03 -34.86
CA ALA B 344 9.90 -8.00 -35.82
C ALA B 344 10.21 -6.65 -35.17
N SER B 345 9.37 -6.26 -34.20
CA SER B 345 9.54 -4.99 -33.51
C SER B 345 10.91 -4.78 -32.86
N GLU B 346 11.53 -5.85 -32.37
CA GLU B 346 12.82 -5.71 -31.71
C GLU B 346 13.93 -5.38 -32.69
N THR B 347 13.80 -5.88 -33.91
CA THR B 347 14.78 -5.67 -34.96
C THR B 347 15.15 -4.18 -35.11
N TYR B 348 14.13 -3.36 -35.36
CA TYR B 348 14.32 -1.93 -35.54
C TYR B 348 15.05 -1.22 -34.40
N PHE B 349 14.78 -1.58 -33.16
CA PHE B 349 15.46 -0.92 -32.04
C PHE B 349 16.90 -1.43 -32.00
N LEU B 350 17.11 -2.64 -32.50
CA LEU B 350 18.45 -3.20 -32.55
C LEU B 350 19.21 -2.40 -33.61
N LYS B 351 18.55 -2.18 -34.74
CA LYS B 351 19.12 -1.39 -35.84
C LYS B 351 19.39 0.03 -35.36
N ALA B 352 18.36 0.69 -34.88
CA ALA B 352 18.47 2.07 -34.40
C ALA B 352 19.60 2.32 -33.38
N GLU B 353 19.91 1.35 -32.52
CA GLU B 353 20.98 1.57 -31.54
C GLU B 353 22.38 1.55 -32.18
N ALA B 354 22.47 0.91 -33.34
CA ALA B 354 23.72 0.83 -34.08
C ALA B 354 23.80 2.04 -35.02
N ALA B 355 22.69 2.34 -35.69
CA ALA B 355 22.61 3.46 -36.61
C ALA B 355 22.84 4.76 -35.83
N LEU B 356 22.93 4.64 -34.51
CA LEU B 356 23.16 5.79 -33.65
C LEU B 356 24.64 5.83 -33.27
N TYR B 357 25.13 4.74 -32.68
CA TYR B 357 26.53 4.64 -32.32
C TYR B 357 27.29 4.29 -33.61
N ASN B 358 26.56 4.43 -34.73
CA ASN B 358 27.03 4.17 -36.10
C ASN B 358 27.80 2.88 -36.35
N LEU B 359 27.08 1.90 -36.87
CA LEU B 359 27.60 0.59 -37.22
C LEU B 359 26.86 0.20 -38.48
N ILE B 360 25.81 0.97 -38.79
CA ILE B 360 25.00 0.74 -39.98
C ILE B 360 24.52 2.10 -40.48
N GLY B 361 23.83 2.10 -41.61
CA GLY B 361 23.34 3.34 -42.20
C GLY B 361 21.83 3.55 -42.13
N GLY B 362 21.45 4.82 -42.01
CA GLY B 362 20.04 5.18 -41.93
C GLY B 362 19.83 6.11 -40.75
N ASP B 363 18.70 6.82 -40.76
CA ASP B 363 18.40 7.74 -39.67
C ASP B 363 17.98 6.97 -38.40
N PRO B 364 18.74 7.11 -37.30
CA PRO B 364 18.38 6.41 -36.06
C PRO B 364 16.92 6.70 -35.70
N LYS B 365 16.56 7.98 -35.71
CA LYS B 365 15.21 8.44 -35.39
C LYS B 365 14.09 7.69 -36.12
N THR B 366 14.27 7.42 -37.41
CA THR B 366 13.22 6.72 -38.13
C THR B 366 13.17 5.23 -37.79
N PHE B 367 14.32 4.56 -37.79
CA PHE B 367 14.34 3.14 -37.45
C PHE B 367 13.64 2.97 -36.10
N TYR B 368 14.03 3.84 -35.16
CA TYR B 368 13.44 3.86 -33.82
C TYR B 368 11.92 4.00 -33.98
N GLU B 369 11.49 5.03 -34.70
CA GLU B 369 10.06 5.27 -34.91
C GLU B 369 9.37 4.11 -35.62
N GLN B 370 10.14 3.32 -36.36
CA GLN B 370 9.59 2.18 -37.09
C GLN B 370 9.28 1.02 -36.14
N GLY B 371 10.28 0.62 -35.36
CA GLY B 371 10.08 -0.45 -34.41
C GLY B 371 8.81 -0.21 -33.61
N ILE B 372 8.59 1.04 -33.23
CA ILE B 372 7.41 1.39 -32.46
C ILE B 372 6.15 1.07 -33.25
N ASN B 373 6.14 1.45 -34.53
CA ASN B 373 4.99 1.19 -35.38
C ASN B 373 4.70 -0.29 -35.55
N ILE B 374 5.76 -1.10 -35.61
CA ILE B 374 5.57 -2.55 -35.75
C ILE B 374 4.97 -3.07 -34.44
N SER B 375 5.56 -2.63 -33.33
CA SER B 375 5.11 -3.04 -31.99
C SER B 375 3.61 -2.82 -31.81
N PHE B 376 3.12 -1.69 -32.31
CA PHE B 376 1.70 -1.37 -32.21
C PHE B 376 0.95 -2.35 -33.09
N GLN B 377 1.45 -2.55 -34.31
CA GLN B 377 0.80 -3.48 -35.23
C GLN B 377 0.67 -4.84 -34.58
N GLU B 378 1.78 -5.31 -33.99
CA GLU B 378 1.81 -6.62 -33.34
C GLU B 378 0.76 -6.73 -32.24
N GLN B 379 0.71 -5.74 -31.36
CA GLN B 379 -0.26 -5.75 -30.27
C GLN B 379 -1.68 -5.51 -30.80
N GLY B 380 -1.78 -4.87 -31.95
CA GLY B 380 -3.09 -4.61 -32.54
C GLY B 380 -3.70 -3.30 -32.11
N VAL B 381 -2.88 -2.41 -31.55
CA VAL B 381 -3.33 -1.10 -31.08
C VAL B 381 -2.93 -0.06 -32.11
N SER B 382 -3.58 1.10 -32.07
CA SER B 382 -3.27 2.16 -33.02
C SER B 382 -2.97 3.53 -32.39
N GLY B 383 -2.73 4.52 -33.25
CA GLY B 383 -2.45 5.86 -32.79
C GLY B 383 -0.99 6.12 -32.54
N VAL B 384 -0.11 5.42 -33.25
CA VAL B 384 1.32 5.61 -33.07
C VAL B 384 1.70 7.05 -33.41
N ALA B 385 0.89 7.68 -34.27
CA ALA B 385 1.12 9.07 -34.69
C ALA B 385 1.12 9.96 -33.46
N THR B 386 0.00 9.95 -32.75
CA THR B 386 -0.16 10.74 -31.54
C THR B 386 0.89 10.30 -30.51
N TYR B 387 1.09 8.98 -30.40
CA TYR B 387 2.04 8.45 -29.43
C TYR B 387 3.43 9.02 -29.63
N LEU B 388 3.84 9.16 -30.88
CA LEU B 388 5.17 9.70 -31.20
C LEU B 388 5.25 11.21 -30.94
N SER B 389 4.11 11.81 -30.62
CA SER B 389 4.02 13.24 -30.34
C SER B 389 3.95 13.48 -28.83
N GLY B 390 3.75 12.39 -28.09
CA GLY B 390 3.66 12.51 -26.64
C GLY B 390 4.96 12.98 -26.01
N THR B 391 4.85 13.86 -25.04
CA THR B 391 6.02 14.40 -24.34
C THR B 391 5.98 14.10 -22.85
N GLY B 392 4.89 13.49 -22.41
CA GLY B 392 4.74 13.16 -21.00
C GLY B 392 5.74 12.14 -20.53
N LYS B 393 6.20 12.28 -19.29
CA LYS B 393 7.17 11.35 -18.72
C LYS B 393 6.45 10.23 -17.98
N PRO B 394 7.18 9.15 -17.61
CA PRO B 394 6.58 8.02 -16.91
C PRO B 394 6.10 8.36 -15.51
N THR B 395 4.87 7.94 -15.20
CA THR B 395 4.25 8.20 -13.90
C THR B 395 4.98 7.46 -12.78
N GLY B 396 5.16 8.14 -11.67
CA GLY B 396 5.81 7.50 -10.54
C GLY B 396 4.75 6.88 -9.66
N LEU B 397 5.19 6.23 -8.60
CA LEU B 397 4.27 5.63 -7.65
C LEU B 397 4.45 6.51 -6.41
N THR B 398 3.67 7.60 -6.35
CA THR B 398 3.75 8.58 -5.26
C THR B 398 2.77 8.45 -4.10
N GLY B 399 3.13 9.05 -2.97
CA GLY B 399 2.29 9.03 -1.78
C GLY B 399 1.76 7.65 -1.40
N SER B 400 0.49 7.60 -1.04
CA SER B 400 -0.10 6.33 -0.69
C SER B 400 -1.01 5.84 -1.82
N ASN B 401 -0.57 6.09 -3.07
CA ASN B 401 -1.33 5.65 -4.24
C ASN B 401 -1.13 4.16 -4.47
N TYR B 402 -0.04 3.60 -3.96
CA TYR B 402 0.19 2.18 -4.10
C TYR B 402 -0.71 1.53 -3.05
N LYS B 403 -1.77 0.88 -3.50
CA LYS B 403 -2.72 0.26 -2.58
C LYS B 403 -2.33 -0.98 -1.78
N TYR B 404 -1.25 -1.65 -2.17
CA TYR B 404 -0.87 -2.87 -1.46
C TYR B 404 0.32 -2.81 -0.52
N GLY B 405 0.54 -1.67 0.12
CA GLY B 405 1.66 -1.57 1.04
C GLY B 405 2.37 -0.24 1.03
N THR B 406 3.33 -0.08 1.95
CA THR B 406 4.10 1.16 2.04
C THR B 406 5.22 1.16 1.01
N TYR B 407 5.01 1.85 -0.10
CA TYR B 407 6.03 1.89 -1.15
C TYR B 407 5.78 3.04 -2.10
N ASN B 408 6.87 3.69 -2.51
CA ASN B 408 6.77 4.80 -3.47
C ASN B 408 8.11 5.07 -4.11
N HIS B 409 8.08 5.46 -5.38
CA HIS B 409 9.29 5.73 -6.15
C HIS B 409 8.98 6.62 -7.35
N ASP B 410 9.79 7.67 -7.55
CA ASP B 410 9.57 8.61 -8.65
C ASP B 410 10.20 8.18 -9.98
N LEU B 411 9.39 7.57 -10.82
CA LEU B 411 9.83 7.07 -12.11
C LEU B 411 9.95 8.17 -13.17
N SER B 412 9.72 9.43 -12.80
CA SER B 412 9.81 10.51 -13.79
C SER B 412 11.04 11.39 -13.61
N ILE B 413 11.82 11.11 -12.59
CA ILE B 413 13.02 11.88 -12.31
C ILE B 413 14.09 11.60 -13.35
N GLY B 414 14.47 12.64 -14.10
CA GLY B 414 15.47 12.48 -15.13
C GLY B 414 15.10 11.42 -16.15
N ASN B 415 13.82 11.35 -16.49
CA ASN B 415 13.32 10.37 -17.45
C ASN B 415 12.82 11.06 -18.71
N THR B 416 13.12 10.48 -19.87
CA THR B 416 12.72 11.05 -21.15
C THR B 416 11.28 10.71 -21.55
N SER B 417 10.95 10.95 -22.82
CA SER B 417 9.61 10.70 -23.34
C SER B 417 9.61 9.99 -24.70
N PRO B 418 8.41 9.69 -25.25
CA PRO B 418 8.27 9.00 -26.55
C PRO B 418 8.83 9.78 -27.75
N LYS B 419 8.66 11.10 -27.72
CA LYS B 419 9.14 12.01 -28.77
C LYS B 419 10.67 11.93 -28.92
N TRP B 420 11.14 11.88 -30.16
CA TRP B 420 12.59 11.78 -30.42
C TRP B 420 13.29 13.14 -30.33
N ASP B 421 12.51 14.21 -30.24
CA ASP B 421 13.08 15.56 -30.16
C ASP B 421 12.98 16.20 -28.77
N ASP B 422 12.17 15.62 -27.89
CA ASP B 422 12.02 16.15 -26.54
C ASP B 422 13.16 15.66 -25.63
N TYR B 423 14.16 16.51 -25.40
CA TYR B 423 15.29 16.11 -24.56
C TYR B 423 15.29 16.72 -23.18
N THR B 424 15.07 15.87 -22.17
CA THR B 424 15.03 16.33 -20.79
C THR B 424 16.34 17.05 -20.45
N GLY B 425 17.47 16.41 -20.71
CA GLY B 425 18.73 17.09 -20.43
C GLY B 425 19.71 16.44 -19.48
N ASN B 426 19.24 15.80 -18.43
CA ASN B 426 20.17 15.18 -17.49
C ASN B 426 21.27 14.37 -18.13
N LEU B 427 20.97 13.70 -19.24
CA LEU B 427 21.95 12.89 -19.93
C LEU B 427 22.33 13.49 -21.26
N SER B 428 23.53 13.16 -21.74
CA SER B 428 23.99 13.65 -23.04
C SER B 428 22.99 13.24 -24.12
N LYS B 429 22.71 14.13 -25.08
CA LYS B 429 21.75 13.82 -26.13
C LYS B 429 21.93 12.43 -26.73
N GLN B 430 23.16 11.91 -26.71
CA GLN B 430 23.37 10.57 -27.27
C GLN B 430 22.85 9.56 -26.24
N GLU B 431 23.29 9.72 -25.00
CA GLU B 431 22.84 8.84 -23.91
C GLU B 431 21.32 8.77 -23.86
N GLU B 432 20.67 9.92 -23.99
CA GLU B 432 19.21 9.97 -23.96
C GLU B 432 18.61 9.36 -25.22
N GLN B 433 19.30 9.50 -26.34
CA GLN B 433 18.78 8.93 -27.59
C GLN B 433 18.84 7.41 -27.48
N LEU B 434 19.69 6.94 -26.57
CA LEU B 434 19.84 5.50 -26.34
C LEU B 434 18.71 5.10 -25.41
N GLN B 435 18.62 5.80 -24.29
CA GLN B 435 17.59 5.58 -23.28
C GLN B 435 16.23 5.54 -23.94
N LYS B 436 16.01 6.39 -24.93
CA LYS B 436 14.75 6.42 -25.64
C LYS B 436 14.51 5.09 -26.37
N ILE B 437 15.57 4.52 -26.93
CA ILE B 437 15.46 3.26 -27.68
C ILE B 437 15.33 2.05 -26.76
N ILE B 438 16.25 1.91 -25.81
CA ILE B 438 16.19 0.80 -24.87
C ILE B 438 14.84 0.75 -24.17
N THR B 439 14.32 1.92 -23.81
CA THR B 439 13.03 2.00 -23.12
C THR B 439 11.91 1.50 -24.04
N GLN B 440 11.68 2.17 -25.16
CA GLN B 440 10.63 1.73 -26.08
C GLN B 440 10.83 0.29 -26.53
N LYS B 441 12.06 -0.19 -26.43
CA LYS B 441 12.39 -1.57 -26.81
C LYS B 441 11.81 -2.44 -25.70
N TYR B 442 11.98 -1.96 -24.47
CA TYR B 442 11.48 -2.61 -23.27
C TYR B 442 9.96 -2.78 -23.38
N LEU B 443 9.29 -1.75 -23.90
CA LEU B 443 7.85 -1.81 -24.05
C LEU B 443 7.40 -2.85 -25.06
N ALA B 444 8.15 -2.99 -26.16
CA ALA B 444 7.80 -3.96 -27.20
C ALA B 444 8.24 -5.36 -26.81
N LEU B 445 9.39 -5.46 -26.15
CA LEU B 445 9.93 -6.75 -25.72
C LEU B 445 8.98 -7.56 -24.83
N TYR B 446 8.03 -6.89 -24.18
CA TYR B 446 7.10 -7.58 -23.31
C TYR B 446 6.32 -8.67 -24.06
N PRO B 447 6.19 -9.85 -23.45
CA PRO B 447 6.73 -10.18 -22.12
C PRO B 447 8.08 -10.92 -22.07
N ASN B 448 8.99 -10.62 -22.99
CA ASN B 448 10.29 -11.30 -22.95
C ASN B 448 11.12 -10.75 -21.79
N ALA B 449 10.89 -11.32 -20.62
CA ALA B 449 11.57 -10.90 -19.40
C ALA B 449 13.09 -10.95 -19.42
N VAL B 450 13.66 -12.14 -19.67
CA VAL B 450 15.11 -12.29 -19.67
C VAL B 450 15.80 -11.26 -20.57
N GLU B 451 15.23 -11.01 -21.75
CA GLU B 451 15.83 -10.04 -22.65
C GLU B 451 15.77 -8.63 -22.08
N ALA B 452 14.60 -8.24 -21.57
CA ALA B 452 14.44 -6.90 -21.00
C ALA B 452 15.36 -6.69 -19.79
N TRP B 453 15.56 -7.74 -19.01
CA TRP B 453 16.42 -7.69 -17.83
C TRP B 453 17.87 -7.56 -18.26
N THR B 454 18.21 -8.25 -19.34
CA THR B 454 19.55 -8.22 -19.90
C THR B 454 19.83 -6.81 -20.42
N GLU B 455 19.02 -6.36 -21.38
CA GLU B 455 19.19 -5.03 -21.96
C GLU B 455 19.25 -3.92 -20.92
N TYR B 456 18.77 -4.20 -19.71
CA TYR B 456 18.82 -3.21 -18.64
C TYR B 456 20.19 -3.30 -17.98
N ARG B 457 20.60 -4.50 -17.58
CA ARG B 457 21.88 -4.68 -16.92
C ARG B 457 23.03 -4.19 -17.80
N ARG B 458 22.72 -3.96 -19.07
CA ARG B 458 23.72 -3.48 -20.00
C ARG B 458 23.69 -1.96 -20.00
N THR B 459 22.67 -1.42 -20.66
CA THR B 459 22.48 0.02 -20.80
C THR B 459 22.04 0.79 -19.56
N GLY B 460 21.57 0.08 -18.54
CA GLY B 460 21.11 0.76 -17.34
C GLY B 460 19.74 1.38 -17.59
N PHE B 461 19.19 1.10 -18.77
CA PHE B 461 17.87 1.58 -19.18
C PHE B 461 16.97 0.38 -19.48
N PRO B 462 15.65 0.56 -19.37
CA PRO B 462 14.98 1.81 -18.98
C PRO B 462 15.11 1.99 -17.48
N TYR B 463 14.58 3.09 -16.96
CA TYR B 463 14.65 3.33 -15.53
C TYR B 463 13.65 2.45 -14.80
N LEU B 464 14.12 1.80 -13.73
CA LEU B 464 13.30 0.91 -12.93
C LEU B 464 12.89 1.50 -11.59
N MET B 465 11.85 0.94 -10.98
CA MET B 465 11.41 1.42 -9.66
C MET B 465 12.11 0.55 -8.63
N LYS B 466 12.65 1.18 -7.59
CA LYS B 466 13.39 0.46 -6.55
C LYS B 466 12.65 -0.75 -5.98
N PRO B 467 13.38 -1.82 -5.65
CA PRO B 467 12.79 -3.05 -5.09
C PRO B 467 12.25 -2.78 -3.69
N MET B 468 10.97 -3.11 -3.47
CA MET B 468 10.33 -2.87 -2.18
C MET B 468 10.99 -3.57 -1.02
N ASP B 469 11.28 -4.86 -1.15
CA ASP B 469 11.92 -5.59 -0.07
C ASP B 469 13.31 -4.99 0.05
N GLU B 470 13.53 -4.22 1.11
CA GLU B 470 14.82 -3.57 1.30
C GLU B 470 15.97 -4.49 1.71
N ALA B 471 15.64 -5.73 2.04
CA ALA B 471 16.67 -6.70 2.44
C ALA B 471 17.14 -7.55 1.25
N ALA B 472 16.56 -7.29 0.08
CA ALA B 472 16.93 -8.03 -1.14
C ALA B 472 18.33 -7.68 -1.63
N PRO B 473 18.62 -6.38 -1.82
CA PRO B 473 19.97 -6.05 -2.28
C PRO B 473 21.05 -6.73 -1.45
N GLY B 474 20.84 -6.80 -0.13
CA GLY B 474 21.82 -7.43 0.75
C GLY B 474 21.91 -8.95 0.68
N ARG B 475 20.95 -9.57 0.00
CA ARG B 475 20.98 -11.03 -0.11
C ARG B 475 21.93 -11.45 -1.22
N ILE B 476 22.11 -10.58 -2.21
CA ILE B 476 23.03 -10.87 -3.31
C ILE B 476 24.38 -10.18 -3.05
N GLY B 477 24.43 -9.38 -1.99
CA GLY B 477 25.66 -8.69 -1.61
C GLY B 477 25.86 -7.31 -2.20
N ALA B 478 24.78 -6.56 -2.40
CA ALA B 478 24.87 -5.21 -2.96
C ALA B 478 24.15 -4.26 -2.03
N SER B 479 24.21 -2.97 -2.33
CA SER B 479 23.52 -2.00 -1.49
C SER B 479 22.22 -1.58 -2.15
N ILE B 480 21.22 -1.27 -1.33
CA ILE B 480 19.94 -0.82 -1.85
C ILE B 480 20.31 0.43 -2.63
N GLU B 481 21.22 1.21 -2.04
CA GLU B 481 21.75 2.45 -2.60
C GLU B 481 21.74 2.52 -4.13
N ASP B 482 22.22 1.47 -4.77
CA ASP B 482 22.28 1.42 -6.22
C ASP B 482 21.42 0.30 -6.77
N CYS B 483 21.93 -0.92 -6.62
CA CYS B 483 21.27 -2.12 -7.10
C CYS B 483 19.75 -2.13 -7.05
N ARG B 484 19.13 -1.95 -8.22
CA ARG B 484 17.69 -1.98 -8.34
C ARG B 484 17.32 -3.44 -8.64
N VAL B 485 18.12 -4.10 -9.47
CA VAL B 485 17.91 -5.50 -9.83
C VAL B 485 19.23 -6.26 -9.69
N PRO B 486 19.16 -7.59 -9.56
CA PRO B 486 20.37 -8.42 -9.42
C PRO B 486 21.19 -8.42 -10.73
N GLU B 487 22.51 -8.53 -10.60
CA GLU B 487 23.39 -8.56 -11.76
C GLU B 487 23.37 -9.92 -12.46
N ARG B 488 23.21 -10.98 -11.66
CA ARG B 488 23.19 -12.34 -12.18
C ARG B 488 22.61 -13.34 -11.17
N PHE B 489 22.56 -14.60 -11.60
CA PHE B 489 22.09 -15.71 -10.77
C PHE B 489 23.36 -16.44 -10.35
N ARG B 490 23.46 -16.87 -9.10
CA ARG B 490 24.66 -17.59 -8.70
C ARG B 490 24.48 -19.09 -8.90
N PHE B 491 25.59 -19.82 -8.95
CA PHE B 491 25.53 -21.26 -9.15
C PHE B 491 25.33 -21.98 -7.82
N ALA B 492 24.51 -23.01 -7.82
CA ALA B 492 24.26 -23.78 -6.61
C ALA B 492 25.61 -24.26 -6.12
N PRO B 493 26.07 -23.75 -4.97
CA PRO B 493 27.36 -24.17 -4.43
C PRO B 493 27.62 -25.68 -4.54
N THR B 494 26.56 -26.47 -4.34
CA THR B 494 26.62 -27.92 -4.40
C THR B 494 27.11 -28.47 -5.74
N ALA B 495 26.78 -27.79 -6.82
CA ALA B 495 27.21 -28.22 -8.15
C ALA B 495 28.74 -28.27 -8.18
N TYR B 496 29.36 -27.51 -7.28
CA TYR B 496 30.82 -27.46 -7.14
C TYR B 496 31.39 -28.82 -6.75
N ASN B 497 30.60 -29.57 -5.98
CA ASN B 497 31.00 -30.90 -5.52
C ASN B 497 31.00 -31.92 -6.64
N SER B 498 30.31 -31.60 -7.74
CA SER B 498 30.23 -32.51 -8.87
C SER B 498 31.32 -32.27 -9.93
N ASN B 499 31.28 -31.09 -10.54
CA ASN B 499 32.24 -30.72 -11.58
C ASN B 499 33.36 -29.86 -10.97
N PRO B 500 34.49 -30.48 -10.61
CA PRO B 500 35.60 -29.72 -10.03
C PRO B 500 36.06 -28.53 -10.87
N ASN B 501 35.62 -28.47 -12.13
CA ASN B 501 36.02 -27.36 -13.01
C ASN B 501 35.23 -26.09 -12.72
N MET B 502 34.37 -26.15 -11.72
CA MET B 502 33.56 -24.99 -11.36
C MET B 502 34.30 -24.06 -10.41
N ALA B 503 35.42 -24.53 -9.86
CA ALA B 503 36.20 -23.72 -8.94
C ALA B 503 36.84 -22.56 -9.70
N GLU B 504 36.75 -22.61 -11.02
CA GLU B 504 37.33 -21.59 -11.90
C GLU B 504 36.33 -20.49 -12.27
N ILE B 505 35.07 -20.70 -11.93
CA ILE B 505 34.01 -19.74 -12.24
C ILE B 505 34.30 -18.30 -11.76
N PRO B 506 34.67 -18.14 -10.47
CA PRO B 506 34.96 -16.79 -9.96
C PRO B 506 36.02 -16.09 -10.82
N THR B 507 36.99 -16.88 -11.27
CA THR B 507 38.06 -16.37 -12.11
C THR B 507 37.46 -15.88 -13.42
N LEU B 508 36.64 -16.72 -14.03
CA LEU B 508 35.97 -16.41 -15.28
C LEU B 508 35.02 -15.22 -15.13
N LEU B 509 34.34 -15.14 -13.99
CA LEU B 509 33.41 -14.04 -13.75
C LEU B 509 34.13 -12.71 -13.60
N GLY B 510 35.14 -12.69 -12.74
CA GLY B 510 35.88 -11.46 -12.50
C GLY B 510 35.40 -10.89 -11.18
N GLY B 511 34.97 -11.80 -10.30
CA GLY B 511 34.46 -11.44 -9.00
C GLY B 511 33.83 -12.68 -8.40
N GLY B 512 33.15 -12.53 -7.26
CA GLY B 512 32.52 -13.68 -6.63
C GLY B 512 31.27 -14.18 -7.33
N ASP B 513 30.89 -15.42 -7.05
CA ASP B 513 29.69 -16.04 -7.62
C ASP B 513 28.46 -15.59 -6.83
N ILE B 514 28.11 -14.32 -7.01
CA ILE B 514 26.98 -13.71 -6.32
C ILE B 514 26.17 -12.88 -7.29
N GLY B 515 24.92 -12.59 -6.92
CA GLY B 515 24.05 -11.80 -7.77
C GLY B 515 24.56 -10.38 -7.98
N ALA B 516 25.49 -9.98 -7.13
CA ALA B 516 26.05 -8.63 -7.22
C ALA B 516 27.07 -8.45 -8.35
N THR B 517 27.93 -9.45 -8.55
CA THR B 517 28.97 -9.40 -9.59
C THR B 517 28.41 -9.14 -10.98
N LYS B 518 28.78 -8.01 -11.57
CA LYS B 518 28.32 -7.64 -12.90
C LYS B 518 28.85 -8.57 -13.97
N LEU B 519 28.19 -8.58 -15.13
CA LEU B 519 28.60 -9.44 -16.24
C LEU B 519 29.58 -8.76 -17.19
N TRP B 520 29.98 -9.50 -18.23
CA TRP B 520 30.92 -9.03 -19.21
C TRP B 520 30.46 -7.90 -20.15
N TRP B 521 29.16 -7.84 -20.46
CA TRP B 521 28.65 -6.77 -21.33
C TRP B 521 28.07 -5.56 -20.58
N VAL B 522 28.33 -5.50 -19.27
CA VAL B 522 27.84 -4.40 -18.44
C VAL B 522 28.68 -3.18 -18.79
N ARG B 523 28.25 -2.42 -19.80
CA ARG B 523 28.98 -1.24 -20.25
C ARG B 523 29.46 -0.37 -19.10
N SER B 524 30.69 0.12 -19.21
CA SER B 524 31.31 0.97 -18.18
C SER B 524 30.53 2.25 -17.97
N ASN B 525 30.54 2.72 -16.72
CA ASN B 525 29.82 3.92 -16.34
C ASN B 525 28.36 3.75 -16.72
N ARG B 526 27.68 2.84 -16.01
CA ARG B 526 26.28 2.56 -16.26
C ARG B 526 25.40 3.61 -15.61
N PRO B 527 24.60 4.32 -16.42
CA PRO B 527 23.67 5.39 -16.04
C PRO B 527 22.71 5.02 -14.91
N LYS B 528 22.64 5.89 -13.90
CA LYS B 528 21.77 5.71 -12.75
C LYS B 528 20.81 6.89 -12.59
N GLN B 529 19.52 6.60 -12.46
CA GLN B 529 18.51 7.65 -12.29
C GLN B 529 18.84 8.51 -11.07
N PRO B 530 18.68 9.83 -11.20
CA PRO B 530 18.96 10.81 -10.13
C PRO B 530 18.04 10.65 -8.92
N ASN B 531 18.35 11.38 -7.85
CA ASN B 531 17.56 11.35 -6.61
C ASN B 531 16.46 12.43 -6.68
#